data_4HDG
#
_entry.id   4HDG
#
_cell.length_a   144.574
_cell.length_b   86.554
_cell.length_c   112.650
_cell.angle_alpha   90.00
_cell.angle_beta   90.00
_cell.angle_gamma   90.00
#
_symmetry.space_group_name_H-M   'P 21 21 2'
#
loop_
_entity.id
_entity.type
_entity.pdbx_description
1 polymer Polyprotein
2 non-polymer "GUANOSINE-5'-TRIPHOSPHATE"
3 non-polymer 'ZINC ION'
4 water water
#
_entity_poly.entity_id   1
_entity_poly.type   'polypeptide(L)'
_entity_poly.pdbx_seq_one_letter_code
;GPLGSVHSNQEKIKKRIQKLKEEFATTWHKDPEHPYRTWTYHGSYEVKATGSASSLVNGVVKLMSKPWDAIANVTTMAMT
DTTPFGQQRVFKEKVDTKAPEPPAGVREVLNETTNWLWAHLSREKRPRLCTKEEFIKKVNSNAALGAVFAEQNQWSTARE
AVNDPRFWEMVDEERENHLRGECHTCIYNMMGKREKKPGEFGKAKGSRAIWFMWLGARYLEFEALGFLNEDHWLSRENSG
GGVEGSGVQKLGYILRDIAGKQGGKMYADDTAGWDTRITRTDLENEAKVLELLDGEHRMLARAIIELTYRHKVVKVMRPA
AEGKTVMDVISREDQRGSGQVVTYALNTFTNIAVQLVRLMEAEGVIGPQHLEQLPRKNKIAVRTWLFENGEERVTRMAIS
GDDCVVKPLDDRFATALHFLNAMSKVRKDIQEWKPSHGWHDWQQVPFCSNHFQEIVMKDGRSIVVPCRGQDELIGRARIS
PGAGWNVKDTACLAKAYAQMWLLLYFHRRDLRLMANAICSAVPVDWVPTGRTSWSIHSKGEWMTTEDMLQVWNRVWIEEN
EWMMDKTPIASWTDVPYVGKREDIWCGSLIGTRSRATWAENIYAAINQVRAVIGKENYVDYMTSLRRYEDVLIQEDRVI
;
_entity_poly.pdbx_strand_id   A,B
#
loop_
_chem_comp.id
_chem_comp.type
_chem_comp.name
_chem_comp.formula
GTP non-polymer GUANOSINE-5'-TRIPHOSPHATE 'C10 H16 N5 O14 P3'
ZN non-polymer 'ZINC ION' 'Zn 2'
#
# COMPACT_ATOMS: atom_id res chain seq x y z
N SER A 8 2.33 -18.66 36.65
CA SER A 8 1.21 -19.57 36.27
C SER A 8 0.93 -19.60 34.76
N ASN A 9 1.12 -18.49 34.06
CA ASN A 9 1.18 -18.64 32.61
C ASN A 9 2.29 -19.64 32.30
N GLN A 10 3.39 -19.56 33.04
CA GLN A 10 4.49 -20.50 32.91
C GLN A 10 3.98 -21.94 33.00
N GLU A 11 3.13 -22.20 34.00
CA GLU A 11 2.45 -23.48 34.19
C GLU A 11 1.70 -24.06 32.98
N LYS A 12 1.01 -23.21 32.23
CA LYS A 12 0.14 -23.70 31.19
C LYS A 12 0.85 -23.96 29.85
N ILE A 13 2.09 -23.49 29.72
CA ILE A 13 2.84 -23.72 28.49
C ILE A 13 4.01 -24.70 28.73
N LYS A 14 4.20 -25.04 30.00
CA LYS A 14 5.26 -25.96 30.44
C LYS A 14 5.37 -27.23 29.57
N LYS A 15 4.30 -28.01 29.49
CA LYS A 15 4.34 -29.31 28.84
C LYS A 15 4.70 -29.21 27.36
N ARG A 16 4.30 -28.10 26.74
CA ARG A 16 4.55 -27.91 25.31
C ARG A 16 5.97 -27.51 25.05
N ILE A 17 6.49 -26.67 25.91
CA ILE A 17 7.90 -26.29 25.84
C ILE A 17 8.77 -27.51 26.11
N GLN A 18 8.41 -28.28 27.13
CA GLN A 18 9.19 -29.40 27.56
C GLN A 18 9.24 -30.44 26.45
N LYS A 19 8.09 -30.79 25.87
CA LYS A 19 8.06 -31.75 24.77
C LYS A 19 9.03 -31.29 23.66
N LEU A 20 9.17 -29.97 23.50
CA LEU A 20 10.01 -29.37 22.46
C LEU A 20 11.51 -29.39 22.77
N LYS A 21 11.89 -28.92 23.97
CA LYS A 21 13.28 -29.03 24.45
C LYS A 21 13.79 -30.49 24.39
N GLU A 22 12.89 -31.45 24.63
CA GLU A 22 13.21 -32.86 24.57
C GLU A 22 13.46 -33.30 23.14
N GLU A 23 12.48 -33.07 22.27
CA GLU A 23 12.57 -33.52 20.90
C GLU A 23 13.80 -32.95 20.19
N PHE A 24 14.23 -31.75 20.57
CA PHE A 24 15.34 -31.08 19.90
C PHE A 24 16.47 -30.75 20.85
N ALA A 25 16.50 -31.46 21.97
CA ALA A 25 17.55 -31.32 22.99
C ALA A 25 18.93 -31.31 22.36
N THR A 26 19.08 -32.05 21.27
CA THR A 26 20.30 -32.06 20.48
C THR A 26 20.83 -30.64 20.25
N THR A 27 20.10 -29.81 19.48
CA THR A 27 20.60 -28.52 18.98
C THR A 27 20.12 -27.33 19.78
N TRP A 28 19.39 -27.61 20.86
CA TRP A 28 18.72 -26.57 21.61
C TRP A 28 19.71 -25.63 22.26
N HIS A 29 19.55 -24.37 21.98
CA HIS A 29 20.34 -23.36 22.62
C HIS A 29 19.47 -22.17 22.86
N LYS A 30 20.01 -21.24 23.60
CA LYS A 30 19.21 -20.15 24.02
C LYS A 30 19.85 -18.88 23.56
N ASP A 31 19.54 -18.52 22.32
CA ASP A 31 19.49 -17.10 21.88
C ASP A 31 20.50 -16.55 20.88
N PRO A 32 20.28 -16.75 19.56
CA PRO A 32 20.89 -15.63 18.87
C PRO A 32 20.22 -14.45 19.62
N GLU A 33 20.83 -13.24 19.70
CA GLU A 33 20.08 -12.17 20.37
C GLU A 33 18.73 -11.91 19.64
N HIS A 34 17.70 -12.63 20.09
CA HIS A 34 16.40 -12.75 19.42
C HIS A 34 15.65 -11.42 19.25
N PRO A 35 14.72 -11.33 18.26
CA PRO A 35 14.10 -10.04 17.96
C PRO A 35 12.90 -9.73 18.84
N TYR A 36 12.33 -10.76 19.45
CA TYR A 36 10.99 -10.69 20.04
C TYR A 36 10.85 -9.70 21.14
N ARG A 37 9.82 -8.88 20.99
CA ARG A 37 9.55 -7.82 21.95
C ARG A 37 8.35 -8.11 22.85
N THR A 38 7.30 -8.70 22.30
CA THR A 38 6.02 -8.85 23.01
C THR A 38 5.68 -10.33 23.24
N TRP A 39 6.68 -11.19 22.97
CA TRP A 39 6.54 -12.63 23.04
C TRP A 39 7.71 -13.16 23.89
N THR A 40 7.40 -14.01 24.85
CA THR A 40 8.44 -14.56 25.72
C THR A 40 9.24 -15.53 24.88
N TYR A 41 10.56 -15.41 24.94
CA TYR A 41 11.39 -16.29 24.14
C TYR A 41 12.00 -17.41 25.00
N HIS A 42 11.82 -18.66 24.56
CA HIS A 42 12.26 -19.85 25.30
C HIS A 42 13.60 -20.46 24.85
N GLY A 43 13.82 -20.54 23.54
CA GLY A 43 15.08 -20.99 23.00
C GLY A 43 14.96 -21.27 21.51
N SER A 44 15.99 -21.91 20.95
CA SER A 44 16.05 -22.16 19.53
C SER A 44 16.67 -23.51 19.23
N TYR A 45 16.45 -24.00 18.02
CA TYR A 45 17.14 -25.19 17.53
C TYR A 45 17.34 -25.11 16.01
N GLU A 46 18.32 -25.87 15.52
CA GLU A 46 18.60 -25.88 14.10
C GLU A 46 17.56 -26.68 13.34
N VAL A 47 17.10 -26.11 12.23
CA VAL A 47 16.26 -26.82 11.30
C VAL A 47 16.75 -26.58 9.89
N LYS A 48 16.39 -27.48 8.97
CA LYS A 48 16.40 -27.15 7.56
C LYS A 48 15.31 -26.11 7.29
N ALA A 49 15.70 -24.96 6.73
CA ALA A 49 14.77 -23.93 6.17
C ALA A 49 13.77 -24.46 5.13
N THR A 50 12.80 -23.62 4.77
CA THR A 50 11.75 -23.91 3.78
C THR A 50 11.75 -22.75 2.76
N GLY A 51 11.06 -22.87 1.63
CA GLY A 51 11.06 -21.76 0.68
C GLY A 51 10.41 -21.97 -0.67
N LEU A 56 6.91 -21.96 -11.41
CA LEU A 56 5.55 -22.20 -10.94
C LEU A 56 4.52 -21.32 -11.68
N VAL A 57 4.53 -21.48 -13.00
CA VAL A 57 3.64 -20.79 -13.93
C VAL A 57 2.71 -21.75 -14.67
N ASN A 58 1.43 -21.42 -14.77
CA ASN A 58 0.45 -22.27 -15.51
C ASN A 58 0.57 -22.01 -17.00
N GLY A 59 1.22 -22.94 -17.69
CA GLY A 59 1.56 -22.77 -19.12
C GLY A 59 0.34 -22.45 -19.97
N VAL A 60 -0.81 -23.01 -19.60
CA VAL A 60 -1.99 -22.91 -20.44
C VAL A 60 -2.51 -21.53 -20.31
N VAL A 61 -2.64 -21.07 -19.07
CA VAL A 61 -3.12 -19.69 -18.83
C VAL A 61 -2.15 -18.62 -19.41
N LYS A 62 -0.87 -18.80 -19.14
CA LYS A 62 0.20 -17.97 -19.71
C LYS A 62 -0.02 -17.83 -21.21
N LEU A 63 -0.17 -18.97 -21.88
CA LEU A 63 -0.33 -18.98 -23.33
C LEU A 63 -1.60 -18.31 -23.83
N MET A 64 -2.62 -18.26 -23.00
CA MET A 64 -3.89 -17.67 -23.41
C MET A 64 -4.04 -16.24 -23.00
N SER A 65 -2.96 -15.67 -22.48
CA SER A 65 -3.03 -14.31 -22.01
C SER A 65 -1.81 -13.48 -22.34
N LYS A 66 -1.35 -13.53 -23.59
CA LYS A 66 -0.10 -12.87 -23.97
C LYS A 66 -0.06 -11.36 -23.66
N PRO A 67 -1.19 -10.64 -23.88
CA PRO A 67 -1.09 -9.21 -23.67
C PRO A 67 -0.68 -8.88 -22.25
N TRP A 68 -1.06 -9.74 -21.32
CA TRP A 68 -0.83 -9.46 -19.92
C TRP A 68 0.64 -9.69 -19.49
N ASP A 69 1.46 -10.21 -20.39
CA ASP A 69 2.92 -10.22 -20.25
C ASP A 69 3.45 -8.79 -20.07
N ALA A 70 2.68 -7.83 -20.54
CA ALA A 70 3.12 -6.46 -20.48
C ALA A 70 2.65 -5.72 -19.23
N ILE A 71 1.81 -6.37 -18.42
CA ILE A 71 1.24 -5.77 -17.20
C ILE A 71 1.95 -6.23 -15.91
N ALA A 72 2.60 -5.31 -15.23
CA ALA A 72 3.32 -5.58 -13.99
C ALA A 72 2.46 -6.23 -12.90
N ASN A 73 1.23 -5.74 -12.71
CA ASN A 73 0.37 -6.35 -11.71
C ASN A 73 0.26 -7.84 -11.88
N VAL A 74 0.42 -8.32 -13.10
CA VAL A 74 0.24 -9.71 -13.39
C VAL A 74 1.56 -10.41 -13.31
N THR A 75 2.57 -9.89 -13.99
CA THR A 75 3.81 -10.68 -14.10
C THR A 75 4.52 -10.80 -12.78
N THR A 76 4.34 -9.81 -11.88
CA THR A 76 5.16 -9.79 -10.66
C THR A 76 4.50 -10.52 -9.51
N MET A 77 3.30 -11.03 -9.75
CA MET A 77 2.49 -11.52 -8.65
C MET A 77 3.11 -12.75 -7.93
N ALA A 78 3.15 -12.69 -6.60
CA ALA A 78 3.46 -13.87 -5.79
C ALA A 78 2.49 -13.87 -4.61
N MET A 79 2.15 -15.07 -4.16
CA MET A 79 1.21 -15.29 -3.10
C MET A 79 1.86 -15.27 -1.76
N THR A 80 2.93 -16.05 -1.61
CA THR A 80 3.47 -16.33 -0.29
C THR A 80 4.99 -16.31 -0.25
N ASP A 81 5.52 -16.14 0.96
CA ASP A 81 6.96 -16.11 1.19
C ASP A 81 7.20 -17.00 2.41
N THR A 82 7.68 -18.21 2.16
CA THR A 82 7.73 -19.22 3.18
C THR A 82 9.10 -19.26 3.81
N THR A 83 10.04 -18.48 3.27
CA THR A 83 11.39 -18.45 3.78
C THR A 83 11.46 -17.90 5.23
N PRO A 84 12.55 -18.24 5.96
CA PRO A 84 12.78 -17.73 7.28
C PRO A 84 12.79 -16.22 7.27
N PHE A 85 13.23 -15.64 6.15
CA PHE A 85 13.29 -14.20 6.03
C PHE A 85 11.90 -13.60 6.09
N GLY A 86 10.97 -14.22 5.37
CA GLY A 86 9.61 -13.73 5.26
C GLY A 86 8.86 -14.03 6.52
N GLN A 87 9.22 -15.16 7.14
CA GLN A 87 8.61 -15.56 8.40
C GLN A 87 8.91 -14.45 9.41
N GLN A 88 10.20 -14.07 9.42
CA GLN A 88 10.69 -13.07 10.34
C GLN A 88 10.05 -11.73 10.05
N ARG A 89 9.93 -11.37 8.76
CA ARG A 89 9.42 -10.05 8.46
C ARG A 89 7.95 -9.99 8.90
N VAL A 90 7.17 -11.01 8.59
CA VAL A 90 5.75 -10.84 8.80
C VAL A 90 5.49 -10.90 10.29
N PHE A 91 6.32 -11.65 11.01
CA PHE A 91 6.14 -11.81 12.41
C PHE A 91 6.37 -10.48 13.08
N LYS A 92 7.45 -9.83 12.69
CA LYS A 92 7.80 -8.54 13.25
C LYS A 92 6.74 -7.48 12.89
N GLU A 93 6.29 -7.47 11.64
CA GLU A 93 5.36 -6.41 11.21
C GLU A 93 3.89 -6.67 11.70
N LYS A 94 3.44 -7.93 11.81
CA LYS A 94 2.04 -8.25 12.13
C LYS A 94 1.76 -9.13 13.37
N VAL A 95 2.77 -9.55 14.16
CA VAL A 95 2.47 -10.56 15.19
C VAL A 95 3.15 -10.13 16.51
N ASP A 96 4.35 -9.60 16.40
CA ASP A 96 5.07 -9.09 17.56
C ASP A 96 4.52 -7.70 17.95
N THR A 97 3.22 -7.65 18.19
CA THR A 97 2.53 -6.38 18.33
C THR A 97 1.53 -6.57 19.43
N LYS A 98 1.15 -5.48 20.09
CA LYS A 98 0.13 -5.59 21.11
C LYS A 98 -0.86 -4.44 21.10
N ALA A 99 -2.13 -4.79 20.98
CA ALA A 99 -3.21 -3.83 20.98
C ALA A 99 -3.61 -3.44 22.41
N PRO A 100 -3.69 -2.14 22.68
CA PRO A 100 -4.04 -1.72 24.04
C PRO A 100 -5.49 -2.12 24.35
N GLU A 101 -5.75 -2.41 25.62
CA GLU A 101 -7.08 -2.79 26.04
C GLU A 101 -7.96 -1.56 26.15
N PRO A 102 -9.22 -1.65 25.66
CA PRO A 102 -10.21 -0.58 25.78
C PRO A 102 -10.46 -0.15 27.24
N PRO A 103 -10.89 1.09 27.44
CA PRO A 103 -11.15 1.57 28.79
C PRO A 103 -12.44 1.02 29.38
N ALA A 104 -12.65 1.22 30.67
CA ALA A 104 -13.76 0.61 31.39
C ALA A 104 -15.13 0.91 30.76
N GLY A 105 -15.41 2.16 30.45
CA GLY A 105 -16.70 2.50 29.84
C GLY A 105 -16.95 1.69 28.57
N VAL A 106 -15.95 1.66 27.69
CA VAL A 106 -16.01 0.89 26.45
C VAL A 106 -16.20 -0.61 26.72
N ARG A 107 -15.40 -1.17 27.63
CA ARG A 107 -15.61 -2.58 28.07
C ARG A 107 -17.04 -2.87 28.52
N GLU A 108 -17.66 -1.91 29.21
CA GLU A 108 -19.00 -2.13 29.71
C GLU A 108 -20.00 -2.16 28.52
N VAL A 109 -19.76 -1.33 27.51
CA VAL A 109 -20.58 -1.33 26.33
C VAL A 109 -20.45 -2.62 25.49
N LEU A 110 -19.24 -3.16 25.41
CA LEU A 110 -18.99 -4.35 24.63
C LEU A 110 -19.56 -5.51 25.38
N ASN A 111 -19.47 -5.46 26.70
CA ASN A 111 -20.04 -6.48 27.52
C ASN A 111 -21.53 -6.61 27.22
N GLU A 112 -22.30 -5.50 27.31
CA GLU A 112 -23.74 -5.58 27.04
C GLU A 112 -24.00 -6.08 25.61
N THR A 113 -23.27 -5.49 24.67
CA THR A 113 -23.44 -5.71 23.25
C THR A 113 -23.19 -7.19 22.89
N THR A 114 -22.15 -7.77 23.46
CA THR A 114 -21.86 -9.17 23.17
C THR A 114 -22.84 -10.13 23.90
N ASN A 115 -23.29 -9.76 25.10
CA ASN A 115 -24.39 -10.50 25.74
C ASN A 115 -25.59 -10.59 24.86
N TRP A 116 -25.96 -9.46 24.25
CA TRP A 116 -27.10 -9.46 23.37
C TRP A 116 -26.86 -10.33 22.14
N LEU A 117 -25.68 -10.20 21.53
CA LEU A 117 -25.41 -10.91 20.28
C LEU A 117 -25.33 -12.42 20.52
N TRP A 118 -24.68 -12.85 21.60
CA TRP A 118 -24.66 -14.27 21.90
C TRP A 118 -26.06 -14.83 22.10
N ALA A 119 -26.91 -14.05 22.78
CA ALA A 119 -28.29 -14.53 23.04
C ALA A 119 -29.10 -14.59 21.74
N HIS A 120 -28.86 -13.64 20.83
CA HIS A 120 -29.55 -13.66 19.54
C HIS A 120 -29.05 -14.86 18.65
N LEU A 121 -27.76 -15.12 18.67
CA LEU A 121 -27.18 -16.19 17.85
C LEU A 121 -27.55 -17.56 18.36
N SER A 122 -27.89 -17.62 19.62
CA SER A 122 -28.25 -18.90 20.19
C SER A 122 -29.74 -18.99 20.45
N ARG A 123 -30.56 -18.27 19.68
CA ARG A 123 -31.95 -18.21 20.06
C ARG A 123 -32.59 -19.53 19.72
N GLU A 124 -32.10 -20.16 18.65
CA GLU A 124 -32.70 -21.37 18.13
C GLU A 124 -31.68 -22.51 18.08
N LYS A 125 -30.46 -22.22 17.63
CA LYS A 125 -29.41 -23.25 17.49
C LYS A 125 -28.84 -23.67 18.84
N ARG A 126 -28.57 -24.97 19.00
CA ARG A 126 -27.96 -25.49 20.22
C ARG A 126 -26.58 -26.02 19.90
N PRO A 127 -25.56 -25.60 20.69
CA PRO A 127 -24.22 -26.13 20.53
C PRO A 127 -24.21 -27.64 20.69
N ARG A 128 -23.14 -28.26 20.18
CA ARG A 128 -23.01 -29.73 20.10
C ARG A 128 -21.56 -29.95 19.67
N LEU A 129 -21.01 -31.07 20.13
CA LEU A 129 -19.69 -31.54 19.73
C LEU A 129 -19.76 -31.86 18.25
N CYS A 130 -18.66 -31.58 17.54
CA CYS A 130 -18.52 -32.05 16.18
C CYS A 130 -17.77 -33.38 16.25
N THR A 131 -17.80 -34.15 15.17
CA THR A 131 -17.33 -35.53 15.30
C THR A 131 -16.18 -35.91 14.40
N LYS A 132 -15.62 -37.06 14.73
CA LYS A 132 -14.51 -37.66 14.02
C LYS A 132 -14.87 -37.91 12.58
N GLU A 133 -15.97 -38.63 12.41
CA GLU A 133 -16.47 -38.97 11.10
C GLU A 133 -16.82 -37.72 10.31
N GLU A 134 -17.26 -36.66 11.01
CA GLU A 134 -17.47 -35.32 10.43
C GLU A 134 -16.14 -34.66 9.96
N PHE A 135 -15.18 -34.58 10.87
CA PHE A 135 -13.81 -34.13 10.51
C PHE A 135 -13.25 -34.92 9.31
N ILE A 136 -13.31 -36.24 9.38
CA ILE A 136 -12.86 -37.07 8.28
C ILE A 136 -13.56 -36.68 6.98
N LYS A 137 -14.88 -36.50 7.05
CA LYS A 137 -15.67 -36.20 5.88
C LYS A 137 -15.15 -34.88 5.27
N LYS A 138 -14.72 -33.97 6.13
CA LYS A 138 -14.29 -32.62 5.75
C LYS A 138 -12.92 -32.71 5.14
N VAL A 139 -12.04 -33.46 5.78
CA VAL A 139 -10.69 -33.70 5.30
C VAL A 139 -10.65 -34.39 3.93
N ASN A 140 -11.51 -35.37 3.73
CA ASN A 140 -11.50 -36.10 2.47
C ASN A 140 -12.10 -35.39 1.27
N SER A 141 -12.29 -34.10 1.39
CA SER A 141 -12.96 -33.37 0.36
C SER A 141 -12.16 -32.16 0.04
N ASN A 142 -12.88 -31.06 -0.12
CA ASN A 142 -12.28 -29.83 -0.56
C ASN A 142 -11.87 -28.99 0.66
N ALA A 143 -11.19 -29.74 1.52
CA ALA A 143 -10.33 -29.35 2.64
C ALA A 143 -10.97 -28.75 3.90
N ALA A 144 -10.14 -28.69 4.94
CA ALA A 144 -10.37 -27.91 6.14
C ALA A 144 -9.77 -26.53 5.83
N LEU A 145 -10.23 -25.94 4.72
CA LEU A 145 -9.63 -24.76 4.09
C LEU A 145 -9.29 -23.63 5.06
N GLY A 146 -8.16 -22.94 4.79
CA GLY A 146 -7.71 -21.78 5.58
C GLY A 146 -7.11 -22.17 6.93
N ALA A 147 -7.87 -22.96 7.74
CA ALA A 147 -7.38 -23.57 8.99
C ALA A 147 -6.28 -24.59 8.63
N VAL A 148 -5.17 -24.03 8.16
CA VAL A 148 -4.17 -24.80 7.45
C VAL A 148 -3.65 -25.98 8.31
N PHE A 149 -3.80 -27.16 7.70
CA PHE A 149 -3.56 -28.48 8.28
C PHE A 149 -2.06 -28.74 8.55
N ALA A 150 -1.35 -28.82 7.43
CA ALA A 150 -0.01 -29.39 7.30
C ALA A 150 0.96 -29.45 8.52
N GLU A 151 0.51 -30.07 9.62
CA GLU A 151 1.47 -30.91 10.28
C GLU A 151 0.71 -32.19 10.54
N GLN A 152 1.02 -33.14 9.65
CA GLN A 152 0.65 -34.52 9.85
C GLN A 152 1.89 -35.38 9.48
N ASN A 153 3.10 -34.95 9.87
CA ASN A 153 4.33 -35.64 9.40
C ASN A 153 4.79 -36.88 10.22
N GLN A 154 3.90 -37.88 10.20
CA GLN A 154 4.23 -39.29 10.38
C GLN A 154 3.53 -39.97 9.19
N TRP A 155 2.83 -39.14 8.42
CA TRP A 155 2.04 -39.47 7.23
C TRP A 155 2.30 -38.34 6.22
N SER A 156 2.05 -38.64 4.94
CA SER A 156 2.20 -37.66 3.86
C SER A 156 1.08 -36.59 3.81
N THR A 157 -0.16 -37.10 3.87
CA THR A 157 -1.40 -36.31 3.68
C THR A 157 -2.31 -36.49 4.87
N ALA A 158 -3.32 -35.62 4.94
CA ALA A 158 -4.33 -35.66 5.97
C ALA A 158 -5.25 -36.87 5.77
N ARG A 159 -5.61 -37.17 4.50
CA ARG A 159 -6.40 -38.37 4.14
C ARG A 159 -5.84 -39.65 4.76
N GLU A 160 -4.54 -39.86 4.64
CA GLU A 160 -3.97 -41.09 5.19
C GLU A 160 -3.93 -41.05 6.72
N ALA A 161 -3.58 -39.90 7.27
CA ALA A 161 -3.53 -39.69 8.71
C ALA A 161 -4.86 -40.03 9.41
N VAL A 162 -5.96 -39.51 8.91
CA VAL A 162 -7.25 -39.76 9.54
C VAL A 162 -7.75 -41.17 9.29
N ASN A 163 -7.11 -41.86 8.35
CA ASN A 163 -7.47 -43.25 8.09
C ASN A 163 -6.73 -44.22 9.03
N ASP A 164 -5.70 -43.69 9.70
CA ASP A 164 -4.80 -44.46 10.53
C ASP A 164 -5.25 -44.45 11.99
N PRO A 165 -5.67 -45.60 12.50
CA PRO A 165 -6.06 -45.79 13.88
C PRO A 165 -5.12 -45.19 14.89
N ARG A 166 -3.83 -45.13 14.55
CA ARG A 166 -2.82 -44.63 15.48
C ARG A 166 -2.95 -43.12 15.63
N PHE A 167 -3.28 -42.43 14.54
CA PHE A 167 -3.58 -40.98 14.58
C PHE A 167 -4.64 -40.67 15.65
N TRP A 168 -5.74 -41.42 15.62
CA TRP A 168 -6.84 -41.18 16.54
C TRP A 168 -6.49 -41.50 17.98
N GLU A 169 -5.56 -42.43 18.17
CA GLU A 169 -5.02 -42.64 19.49
C GLU A 169 -4.21 -41.43 19.97
N MET A 170 -3.47 -40.80 19.06
CA MET A 170 -2.76 -39.55 19.39
C MET A 170 -3.78 -38.51 19.85
N VAL A 171 -4.78 -38.28 19.00
CA VAL A 171 -5.86 -37.36 19.33
C VAL A 171 -6.44 -37.71 20.70
N ASP A 172 -6.91 -38.94 20.88
CA ASP A 172 -7.54 -39.37 22.14
C ASP A 172 -6.67 -39.08 23.35
N GLU A 173 -5.39 -39.33 23.21
CA GLU A 173 -4.44 -39.10 24.29
C GLU A 173 -4.36 -37.64 24.72
N GLU A 174 -4.30 -36.73 23.74
CA GLU A 174 -4.26 -35.29 24.01
C GLU A 174 -5.63 -34.82 24.49
N ARG A 175 -6.67 -35.48 24.00
CA ARG A 175 -8.02 -35.24 24.43
C ARG A 175 -8.20 -35.51 25.92
N GLU A 176 -7.48 -36.52 26.42
CA GLU A 176 -7.55 -36.79 27.84
C GLU A 176 -6.74 -35.75 28.58
N ASN A 177 -5.68 -35.24 27.96
CA ASN A 177 -4.93 -34.19 28.59
C ASN A 177 -5.79 -32.91 28.74
N HIS A 178 -6.57 -32.60 27.71
CA HIS A 178 -7.44 -31.43 27.77
C HIS A 178 -8.50 -31.64 28.82
N LEU A 179 -9.16 -32.79 28.78
CA LEU A 179 -10.19 -33.10 29.77
C LEU A 179 -9.57 -33.05 31.14
N ARG A 180 -8.25 -33.24 31.19
CA ARG A 180 -7.50 -33.10 32.45
C ARG A 180 -7.03 -31.67 32.76
N GLY A 181 -7.23 -30.72 31.84
CA GLY A 181 -6.73 -29.36 32.05
C GLY A 181 -5.32 -29.06 31.56
N GLU A 182 -4.79 -29.85 30.61
CA GLU A 182 -3.44 -29.57 30.11
C GLU A 182 -3.30 -29.79 28.63
N CYS A 183 -2.40 -29.04 28.02
CA CYS A 183 -2.15 -29.17 26.61
C CYS A 183 -0.68 -29.51 26.46
N HIS A 184 -0.43 -30.54 25.68
CA HIS A 184 0.93 -31.01 25.47
C HIS A 184 1.37 -30.81 24.04
N THR A 185 0.46 -30.98 23.10
CA THR A 185 0.82 -30.98 21.68
C THR A 185 0.29 -29.77 20.88
N CYS A 186 -0.65 -29.00 21.42
CA CYS A 186 -1.31 -28.00 20.62
C CYS A 186 -0.49 -26.71 20.45
N ILE A 187 0.36 -26.71 19.41
CA ILE A 187 1.37 -25.69 19.20
C ILE A 187 1.29 -25.02 17.81
N TYR A 188 1.42 -23.70 17.78
CA TYR A 188 1.32 -22.97 16.53
C TYR A 188 2.63 -22.95 15.79
N ASN A 189 2.58 -23.13 14.49
CA ASN A 189 3.75 -22.96 13.64
C ASN A 189 3.47 -21.87 12.60
N MET A 190 4.33 -20.87 12.58
CA MET A 190 4.21 -19.80 11.63
C MET A 190 4.96 -20.19 10.40
N MET A 191 4.22 -20.70 9.41
CA MET A 191 4.82 -21.19 8.17
C MET A 191 5.43 -20.09 7.28
N GLY A 192 4.76 -18.96 7.19
CA GLY A 192 5.24 -17.83 6.40
C GLY A 192 4.28 -16.65 6.27
N LYS A 193 4.43 -15.87 5.20
CA LYS A 193 3.55 -14.72 4.99
C LYS A 193 2.77 -14.76 3.69
N ARG A 194 1.47 -14.48 3.74
CA ARG A 194 0.74 -14.24 2.53
C ARG A 194 1.04 -12.77 2.15
N GLU A 195 1.52 -12.55 0.92
CA GLU A 195 1.86 -11.19 0.45
C GLU A 195 0.66 -10.23 0.41
N LYS A 196 0.94 -8.94 0.36
CA LYS A 196 -0.10 -7.91 0.20
C LYS A 196 -0.90 -8.24 -1.04
N LYS A 197 -2.21 -8.11 -0.90
CA LYS A 197 -3.13 -8.19 -2.03
C LYS A 197 -3.52 -6.80 -2.57
N PRO A 198 -3.90 -6.73 -3.85
CA PRO A 198 -4.23 -5.44 -4.44
C PRO A 198 -5.55 -4.87 -3.92
N GLY A 199 -5.72 -3.55 -4.03
CA GLY A 199 -7.04 -2.97 -3.75
C GLY A 199 -6.98 -1.46 -3.64
N GLU A 200 -8.14 -0.84 -3.65
CA GLU A 200 -8.20 0.63 -3.51
C GLU A 200 -7.83 1.06 -2.10
N PHE A 201 -7.28 2.27 -1.96
CA PHE A 201 -6.92 2.79 -0.64
C PHE A 201 -8.07 2.53 0.35
N GLY A 202 -7.74 1.88 1.47
CA GLY A 202 -8.74 1.58 2.49
C GLY A 202 -9.39 0.20 2.44
N LYS A 203 -9.07 -0.56 1.38
CA LYS A 203 -9.60 -1.92 1.16
C LYS A 203 -8.53 -2.96 0.80
N ALA A 204 -7.36 -2.50 0.34
CA ALA A 204 -6.25 -3.42 0.02
C ALA A 204 -5.83 -4.22 1.28
N LYS A 205 -5.68 -5.53 1.16
CA LYS A 205 -5.30 -6.33 2.31
C LYS A 205 -3.81 -6.32 2.47
N GLY A 206 -3.33 -6.04 3.68
CA GLY A 206 -1.92 -6.12 3.97
C GLY A 206 -1.43 -7.55 4.02
N SER A 207 -0.15 -7.75 4.28
CA SER A 207 0.37 -9.12 4.41
C SER A 207 -0.20 -9.73 5.66
N ARG A 208 -0.17 -11.05 5.76
CA ARG A 208 -0.75 -11.77 6.89
C ARG A 208 0.07 -12.99 7.21
N ALA A 209 -0.05 -13.49 8.43
CA ALA A 209 0.67 -14.69 8.79
C ALA A 209 -0.09 -15.93 8.38
N ILE A 210 0.65 -16.96 8.03
CA ILE A 210 0.10 -18.24 7.74
C ILE A 210 0.45 -19.13 8.89
N TRP A 211 -0.55 -19.60 9.60
CA TRP A 211 -0.35 -20.50 10.71
C TRP A 211 -0.72 -21.95 10.37
N PHE A 212 0.09 -22.90 10.83
CA PHE A 212 -0.22 -24.32 10.79
C PHE A 212 -0.26 -24.86 12.21
N MET A 213 -0.97 -25.97 12.42
CA MET A 213 -0.93 -26.74 13.66
C MET A 213 -0.96 -28.21 13.27
N TRP A 214 -0.55 -29.07 14.18
CA TRP A 214 -0.78 -30.49 14.02
C TRP A 214 -2.26 -30.74 13.71
N LEU A 215 -2.49 -31.56 12.69
CA LEU A 215 -3.81 -32.04 12.34
C LEU A 215 -4.67 -32.43 13.54
N GLY A 216 -4.05 -32.94 14.60
CA GLY A 216 -4.77 -33.37 15.79
C GLY A 216 -5.30 -32.22 16.62
N ALA A 217 -4.54 -31.14 16.67
CA ALA A 217 -4.95 -29.98 17.44
C ALA A 217 -6.13 -29.33 16.72
N ARG A 218 -6.14 -29.45 15.39
CA ARG A 218 -7.25 -28.96 14.59
C ARG A 218 -8.49 -29.79 14.85
N TYR A 219 -8.32 -31.11 14.92
CA TYR A 219 -9.49 -31.96 15.21
C TYR A 219 -10.10 -31.52 16.52
N LEU A 220 -9.27 -31.41 17.57
CA LEU A 220 -9.80 -31.11 18.89
C LEU A 220 -10.58 -29.79 18.88
N GLU A 221 -9.99 -28.78 18.26
CA GLU A 221 -10.61 -27.45 18.20
C GLU A 221 -11.96 -27.58 17.47
N PHE A 222 -11.95 -28.36 16.41
CA PHE A 222 -13.12 -28.56 15.56
C PHE A 222 -14.17 -29.32 16.30
N GLU A 223 -13.75 -30.29 17.11
CA GLU A 223 -14.69 -31.04 17.96
C GLU A 223 -15.40 -30.08 18.92
N ALA A 224 -14.63 -29.19 19.56
CA ALA A 224 -15.15 -28.42 20.68
C ALA A 224 -15.93 -27.18 20.24
N LEU A 225 -15.62 -26.64 19.09
CA LEU A 225 -16.11 -25.32 18.75
C LEU A 225 -16.52 -25.26 17.30
N GLY A 226 -16.28 -26.32 16.54
CA GLY A 226 -16.58 -26.30 15.12
C GLY A 226 -18.07 -26.13 14.83
N PHE A 227 -18.93 -26.27 15.84
CA PHE A 227 -20.32 -26.21 15.61
C PHE A 227 -20.68 -24.85 15.00
N LEU A 228 -19.90 -23.82 15.36
CA LEU A 228 -20.20 -22.45 14.93
C LEU A 228 -20.13 -22.31 13.43
N ASN A 229 -19.31 -23.16 12.81
CA ASN A 229 -19.20 -23.22 11.38
C ASN A 229 -20.16 -24.27 10.80
N GLU A 230 -20.06 -25.51 11.33
CA GLU A 230 -20.88 -26.59 10.76
C GLU A 230 -22.40 -26.32 10.83
N ASP A 231 -22.82 -25.68 11.92
CA ASP A 231 -24.24 -25.33 12.09
C ASP A 231 -24.53 -23.91 11.73
N HIS A 232 -23.58 -23.30 11.04
CA HIS A 232 -23.82 -22.01 10.39
C HIS A 232 -24.33 -20.96 11.35
N TRP A 233 -23.69 -20.82 12.49
CA TRP A 233 -24.10 -19.72 13.39
C TRP A 233 -24.06 -18.28 12.79
N LEU A 234 -23.25 -18.06 11.74
CA LEU A 234 -23.08 -16.72 11.19
C LEU A 234 -23.71 -16.55 9.86
N SER A 235 -24.61 -17.45 9.53
CA SER A 235 -25.43 -17.31 8.35
C SER A 235 -26.28 -16.06 8.54
N ARG A 236 -26.69 -15.44 7.42
CA ARG A 236 -27.53 -14.27 7.47
C ARG A 236 -28.79 -14.57 8.23
N GLU A 237 -29.38 -15.72 7.98
CA GLU A 237 -30.58 -16.18 8.71
C GLU A 237 -30.39 -16.23 10.20
N ASN A 238 -29.25 -16.73 10.67
CA ASN A 238 -29.09 -16.79 12.13
C ASN A 238 -28.60 -15.50 12.75
N SER A 239 -27.80 -14.73 12.01
CA SER A 239 -27.08 -13.62 12.64
C SER A 239 -27.57 -12.26 12.18
N GLY A 240 -28.30 -12.28 11.07
CA GLY A 240 -28.84 -11.05 10.46
C GLY A 240 -27.82 -10.24 9.71
N GLY A 241 -26.70 -9.93 10.35
CA GLY A 241 -25.60 -9.24 9.66
C GLY A 241 -24.64 -10.09 8.84
N GLY A 242 -24.52 -11.38 9.13
CA GLY A 242 -23.50 -12.18 8.52
C GLY A 242 -23.95 -12.71 7.19
N VAL A 243 -23.06 -13.35 6.45
CA VAL A 243 -23.39 -13.83 5.12
C VAL A 243 -22.77 -15.20 4.97
N GLU A 244 -22.45 -15.87 6.08
CA GLU A 244 -21.80 -17.17 6.03
C GLU A 244 -22.73 -18.17 5.36
N GLY A 245 -22.24 -18.83 4.33
CA GLY A 245 -23.04 -19.83 3.65
C GLY A 245 -23.33 -19.37 2.26
N SER A 246 -23.42 -18.06 2.07
CA SER A 246 -23.64 -17.48 0.73
C SER A 246 -22.38 -17.46 -0.17
N GLY A 247 -22.61 -17.64 -1.48
CA GLY A 247 -21.58 -17.52 -2.47
C GLY A 247 -21.46 -16.07 -2.87
N VAL A 248 -20.31 -15.70 -3.43
CA VAL A 248 -20.03 -14.33 -3.83
C VAL A 248 -21.14 -13.81 -4.78
N GLN A 249 -21.77 -14.72 -5.51
CA GLN A 249 -22.84 -14.38 -6.45
C GLN A 249 -24.08 -13.90 -5.68
N LYS A 250 -24.20 -14.23 -4.39
CA LYS A 250 -25.32 -13.71 -3.57
C LYS A 250 -25.09 -12.33 -2.97
N LEU A 251 -23.83 -11.94 -2.81
CA LEU A 251 -23.49 -10.75 -2.01
C LEU A 251 -23.92 -9.41 -2.61
N GLY A 252 -23.82 -9.30 -3.93
CA GLY A 252 -24.40 -8.16 -4.63
C GLY A 252 -25.82 -7.93 -4.16
N TYR A 253 -26.65 -8.96 -4.27
CA TYR A 253 -28.07 -8.89 -3.98
C TYR A 253 -28.35 -8.49 -2.57
N ILE A 254 -27.53 -8.99 -1.65
CA ILE A 254 -27.70 -8.70 -0.25
C ILE A 254 -27.40 -7.22 -0.02
N LEU A 255 -26.38 -6.71 -0.69
CA LEU A 255 -26.00 -5.32 -0.57
C LEU A 255 -27.07 -4.42 -1.15
N ARG A 256 -27.68 -4.86 -2.24
CA ARG A 256 -28.71 -4.10 -2.88
C ARG A 256 -29.99 -4.08 -2.08
N ASP A 257 -30.20 -5.10 -1.25
CA ASP A 257 -31.32 -5.11 -0.30
C ASP A 257 -31.03 -4.14 0.85
N ILE A 258 -29.81 -4.18 1.41
CA ILE A 258 -29.44 -3.21 2.46
C ILE A 258 -29.64 -1.79 1.96
N ALA A 259 -29.21 -1.54 0.74
CA ALA A 259 -29.36 -0.23 0.09
C ALA A 259 -30.83 0.14 -0.04
N GLY A 260 -31.69 -0.86 -0.14
CA GLY A 260 -33.13 -0.61 -0.25
C GLY A 260 -33.73 -0.01 1.03
N LYS A 261 -33.06 -0.16 2.18
CA LYS A 261 -33.61 0.38 3.42
C LYS A 261 -33.46 1.89 3.47
N GLN A 262 -34.23 2.49 4.34
CA GLN A 262 -34.14 3.90 4.56
C GLN A 262 -32.92 4.13 5.43
N GLY A 263 -32.10 5.12 5.07
CA GLY A 263 -31.04 5.61 5.95
C GLY A 263 -30.01 6.47 5.26
N GLY A 264 -28.80 6.51 5.82
CA GLY A 264 -27.72 7.33 5.26
C GLY A 264 -27.02 6.66 4.11
N LYS A 265 -25.82 7.16 3.83
CA LYS A 265 -24.93 6.56 2.85
C LYS A 265 -24.55 5.17 3.36
N MET A 266 -24.00 4.37 2.47
CA MET A 266 -23.46 3.10 2.84
C MET A 266 -21.95 3.16 3.17
N TYR A 267 -21.57 2.53 4.27
CA TYR A 267 -20.17 2.54 4.72
C TYR A 267 -19.53 1.18 4.61
N ALA A 268 -18.25 1.17 4.34
CA ALA A 268 -17.51 -0.09 4.30
C ALA A 268 -16.09 0.15 4.72
N ASP A 269 -15.90 0.63 5.95
CA ASP A 269 -14.58 0.84 6.50
C ASP A 269 -13.90 -0.47 6.87
N ASP A 270 -12.70 -0.69 6.33
CA ASP A 270 -11.79 -1.76 6.81
C ASP A 270 -11.04 -1.32 8.06
N THR A 271 -10.72 -2.27 8.93
CA THR A 271 -9.84 -2.04 10.02
C THR A 271 -8.42 -2.30 9.52
N ALA A 272 -7.46 -1.46 9.93
CA ALA A 272 -6.06 -1.71 9.53
C ALA A 272 -5.48 -2.93 10.28
N GLY A 273 -5.52 -4.11 9.66
CA GLY A 273 -4.92 -5.27 10.26
C GLY A 273 -5.78 -5.74 11.43
N TRP A 274 -6.95 -6.24 11.11
CA TRP A 274 -7.94 -6.60 12.06
C TRP A 274 -7.42 -7.59 13.10
N ASP A 275 -6.66 -8.58 12.65
CA ASP A 275 -6.22 -9.64 13.54
C ASP A 275 -5.16 -9.15 14.53
N THR A 276 -4.45 -8.08 14.20
CA THR A 276 -3.49 -7.55 15.13
C THR A 276 -4.20 -6.62 16.11
N ARG A 277 -5.48 -6.38 15.89
CA ARG A 277 -6.23 -5.43 16.70
C ARG A 277 -7.34 -6.03 17.58
N ILE A 278 -7.45 -7.34 17.58
CA ILE A 278 -8.29 -8.02 18.56
C ILE A 278 -7.71 -7.89 19.97
N THR A 279 -8.50 -7.44 20.91
CA THR A 279 -8.06 -7.26 22.27
C THR A 279 -8.41 -8.45 23.19
N ARG A 280 -7.86 -8.43 24.39
CA ARG A 280 -8.16 -9.44 25.39
C ARG A 280 -9.60 -9.25 25.78
N THR A 281 -10.07 -8.02 25.65
CA THR A 281 -11.46 -7.78 25.90
C THR A 281 -12.32 -8.53 24.91
N ASP A 282 -11.95 -8.45 23.64
CA ASP A 282 -12.71 -9.11 22.58
C ASP A 282 -12.73 -10.61 22.81
N LEU A 283 -11.57 -11.16 23.18
CA LEU A 283 -11.50 -12.61 23.46
C LEU A 283 -12.42 -12.99 24.60
N GLU A 284 -12.41 -12.19 25.66
CA GLU A 284 -13.28 -12.48 26.79
C GLU A 284 -14.74 -12.55 26.36
N ASN A 285 -15.17 -11.59 25.56
CA ASN A 285 -16.53 -11.58 25.11
C ASN A 285 -16.82 -12.75 24.18
N GLU A 286 -15.88 -13.09 23.33
CA GLU A 286 -15.97 -14.35 22.55
C GLU A 286 -15.98 -15.55 23.45
N ALA A 287 -15.21 -15.52 24.55
CA ALA A 287 -15.14 -16.72 25.44
C ALA A 287 -16.47 -16.98 26.17
N LYS A 288 -17.43 -16.08 25.99
CA LYS A 288 -18.74 -16.29 26.58
C LYS A 288 -19.47 -17.48 25.99
N VAL A 289 -19.05 -17.99 24.81
CA VAL A 289 -19.58 -19.26 24.32
C VAL A 289 -19.60 -20.34 25.38
N LEU A 290 -18.60 -20.33 26.24
CA LEU A 290 -18.48 -21.38 27.23
C LEU A 290 -19.79 -21.53 28.01
N GLU A 291 -20.40 -20.40 28.36
CA GLU A 291 -21.64 -20.40 29.13
C GLU A 291 -22.83 -20.98 28.32
N LEU A 292 -22.62 -21.35 27.05
CA LEU A 292 -23.69 -21.98 26.26
C LEU A 292 -23.52 -23.48 26.24
N LEU A 293 -22.43 -23.96 26.81
CA LEU A 293 -22.10 -25.35 26.65
C LEU A 293 -22.30 -26.06 27.97
N ASP A 294 -22.42 -27.38 27.93
CA ASP A 294 -22.59 -28.21 29.12
C ASP A 294 -21.60 -29.37 29.21
N GLY A 295 -21.48 -29.95 30.41
CA GLY A 295 -20.75 -31.19 30.66
C GLY A 295 -19.40 -31.30 29.99
N GLU A 296 -19.25 -32.37 29.22
CA GLU A 296 -17.99 -32.67 28.59
C GLU A 296 -17.70 -31.64 27.49
N HIS A 297 -18.76 -31.28 26.75
CA HIS A 297 -18.61 -30.31 25.68
C HIS A 297 -17.90 -29.04 26.13
N ARG A 298 -18.36 -28.50 27.26
CA ARG A 298 -17.80 -27.27 27.86
C ARG A 298 -16.41 -27.47 28.39
N MET A 299 -16.10 -28.71 28.77
CA MET A 299 -14.81 -29.00 29.32
C MET A 299 -13.82 -28.94 28.20
N LEU A 300 -14.19 -29.48 27.05
CA LEU A 300 -13.29 -29.55 25.91
C LEU A 300 -13.06 -28.18 25.34
N ALA A 301 -14.14 -27.42 25.23
CA ALA A 301 -14.06 -26.08 24.75
C ALA A 301 -13.25 -25.18 25.67
N ARG A 302 -13.44 -25.34 26.97
CA ARG A 302 -12.71 -24.53 27.94
C ARG A 302 -11.21 -24.75 27.75
N ALA A 303 -10.82 -25.99 27.45
CA ALA A 303 -9.43 -26.27 27.25
C ALA A 303 -8.92 -25.56 25.97
N ILE A 304 -9.67 -25.65 24.88
CA ILE A 304 -9.25 -25.03 23.64
C ILE A 304 -9.02 -23.56 23.94
N ILE A 305 -10.04 -22.92 24.52
CA ILE A 305 -10.00 -21.47 24.73
C ILE A 305 -8.86 -21.08 25.62
N GLU A 306 -8.65 -21.85 26.67
CA GLU A 306 -7.67 -21.48 27.67
C GLU A 306 -6.28 -21.90 27.29
N LEU A 307 -6.11 -23.13 26.80
CA LEU A 307 -4.76 -23.62 26.57
C LEU A 307 -4.22 -23.33 25.20
N THR A 308 -5.09 -23.20 24.22
CA THR A 308 -4.55 -23.00 22.89
C THR A 308 -4.83 -21.58 22.40
N TYR A 309 -5.97 -21.00 22.73
CA TYR A 309 -6.28 -19.66 22.22
C TYR A 309 -5.63 -18.59 23.06
N ARG A 310 -5.42 -18.87 24.34
CA ARG A 310 -5.08 -17.83 25.29
C ARG A 310 -3.64 -17.95 25.71
N HIS A 311 -3.22 -19.12 26.21
CA HIS A 311 -1.80 -19.34 26.45
C HIS A 311 -1.06 -20.02 25.29
N LYS A 312 -0.56 -19.23 24.35
CA LYS A 312 -0.03 -19.76 23.11
C LYS A 312 1.42 -20.11 23.08
N VAL A 313 1.73 -21.18 22.36
CA VAL A 313 3.09 -21.52 22.06
C VAL A 313 3.30 -21.52 20.54
N VAL A 314 4.40 -20.88 20.11
CA VAL A 314 4.66 -20.65 18.71
C VAL A 314 6.05 -21.03 18.26
N LYS A 315 6.14 -21.70 17.12
CA LYS A 315 7.42 -21.94 16.45
C LYS A 315 7.48 -21.06 15.19
N VAL A 316 8.60 -20.36 15.02
CA VAL A 316 8.85 -19.59 13.81
C VAL A 316 10.36 -19.63 13.45
N MET A 317 10.69 -19.73 12.16
CA MET A 317 12.09 -19.76 11.69
C MET A 317 12.77 -18.44 11.70
N ARG A 318 14.09 -18.49 11.85
CA ARG A 318 14.94 -17.31 11.83
C ARG A 318 16.30 -17.59 11.15
N PRO A 319 16.81 -16.62 10.38
CA PRO A 319 18.10 -16.74 9.71
C PRO A 319 19.19 -16.65 10.71
N ALA A 320 20.24 -17.45 10.52
CA ALA A 320 21.40 -17.44 11.39
C ALA A 320 22.71 -17.63 10.63
N ALA A 321 23.79 -17.38 11.37
CA ALA A 321 25.17 -17.76 11.00
C ALA A 321 25.50 -18.01 9.52
N GLU A 322 25.77 -19.26 9.17
CA GLU A 322 26.34 -19.60 7.86
C GLU A 322 25.32 -20.18 6.87
N GLY A 323 24.44 -19.33 6.34
CA GLY A 323 23.31 -19.81 5.54
C GLY A 323 22.57 -20.87 6.33
N LYS A 324 22.38 -20.59 7.62
CA LYS A 324 21.85 -21.53 8.59
C LYS A 324 20.59 -20.96 9.20
N THR A 325 19.64 -21.82 9.51
CA THR A 325 18.39 -21.31 10.04
C THR A 325 17.98 -22.06 11.31
N VAL A 326 17.48 -21.31 12.29
CA VAL A 326 17.07 -21.88 13.54
C VAL A 326 15.55 -21.74 13.68
N MET A 327 14.96 -22.50 14.60
CA MET A 327 13.55 -22.36 14.90
C MET A 327 13.38 -21.81 16.32
N ASP A 328 12.80 -20.61 16.43
CA ASP A 328 12.55 -20.02 17.75
C ASP A 328 11.28 -20.56 18.39
N VAL A 329 11.31 -20.71 19.71
CA VAL A 329 10.13 -21.12 20.46
C VAL A 329 9.71 -20.01 21.41
N ILE A 330 8.47 -19.56 21.28
CA ILE A 330 7.99 -18.41 22.02
C ILE A 330 6.58 -18.58 22.54
N SER A 331 6.18 -17.74 23.48
CA SER A 331 4.88 -17.88 24.10
C SER A 331 4.35 -16.51 24.54
N ARG A 332 3.06 -16.46 24.83
CA ARG A 332 2.40 -15.23 25.21
C ARG A 332 0.96 -15.56 25.53
N GLU A 333 0.29 -14.76 26.37
CA GLU A 333 -1.18 -14.81 26.41
C GLU A 333 -1.80 -13.76 25.49
N ASP A 334 -2.56 -14.19 24.48
CA ASP A 334 -2.70 -13.44 23.23
C ASP A 334 -4.11 -13.53 22.65
N GLN A 335 -4.22 -13.44 21.29
CA GLN A 335 -5.41 -13.84 20.50
C GLN A 335 -5.32 -13.86 18.94
N ARG A 336 -5.35 -15.05 18.35
CA ARG A 336 -5.62 -15.18 16.90
C ARG A 336 -4.49 -14.76 15.95
N GLY A 337 -4.86 -14.02 14.89
CA GLY A 337 -4.05 -13.83 13.65
C GLY A 337 -4.58 -14.83 12.62
N SER A 338 -5.58 -15.56 13.06
CA SER A 338 -6.17 -16.70 12.36
C SER A 338 -5.37 -17.86 12.79
N GLY A 339 -5.33 -18.85 11.91
CA GLY A 339 -4.70 -20.12 12.21
C GLY A 339 -5.64 -20.92 13.08
N GLN A 340 -6.87 -20.43 13.35
CA GLN A 340 -7.84 -21.18 14.17
C GLN A 340 -9.06 -21.63 13.37
N VAL A 341 -9.60 -22.78 13.79
CA VAL A 341 -10.75 -23.30 13.11
C VAL A 341 -11.89 -22.28 13.14
N VAL A 342 -12.04 -21.57 14.26
CA VAL A 342 -13.13 -20.61 14.37
C VAL A 342 -12.74 -19.14 14.26
N THR A 343 -11.63 -18.87 13.55
CA THR A 343 -11.19 -17.49 13.32
C THR A 343 -12.21 -16.63 12.50
N TYR A 344 -12.74 -17.17 11.43
CA TYR A 344 -13.69 -16.41 10.63
C TYR A 344 -14.97 -16.17 11.41
N ALA A 345 -15.42 -17.19 12.12
CA ALA A 345 -16.72 -17.10 12.82
C ALA A 345 -16.62 -16.11 13.96
N LEU A 346 -15.50 -16.14 14.67
CA LEU A 346 -15.34 -15.20 15.77
C LEU A 346 -14.99 -13.78 15.32
N ASN A 347 -14.21 -13.65 14.24
CA ASN A 347 -14.02 -12.33 13.65
C ASN A 347 -15.38 -11.77 13.25
N THR A 348 -16.25 -12.62 12.66
CA THR A 348 -17.54 -12.10 12.25
C THR A 348 -18.33 -11.63 13.47
N PHE A 349 -18.35 -12.46 14.50
CA PHE A 349 -19.04 -12.11 15.75
C PHE A 349 -18.53 -10.78 16.30
N THR A 350 -17.23 -10.64 16.49
CA THR A 350 -16.73 -9.46 17.12
C THR A 350 -17.01 -8.23 16.26
N ASN A 351 -16.95 -8.41 14.95
CA ASN A 351 -17.11 -7.31 14.04
C ASN A 351 -18.54 -6.81 14.06
N ILE A 352 -19.51 -7.74 14.18
CA ILE A 352 -20.92 -7.35 14.36
C ILE A 352 -21.07 -6.49 15.62
N ALA A 353 -20.49 -6.96 16.71
CA ALA A 353 -20.50 -6.23 17.94
C ALA A 353 -19.91 -4.86 17.76
N VAL A 354 -18.77 -4.79 17.06
CA VAL A 354 -18.06 -3.53 16.85
C VAL A 354 -19.01 -2.55 16.14
N GLN A 355 -19.73 -3.05 15.12
CA GLN A 355 -20.51 -2.18 14.29
C GLN A 355 -21.76 -1.76 15.07
N LEU A 356 -22.20 -2.60 16.00
CA LEU A 356 -23.40 -2.24 16.81
C LEU A 356 -23.05 -1.09 17.73
N VAL A 357 -21.85 -1.15 18.30
CA VAL A 357 -21.35 -0.08 19.14
C VAL A 357 -21.17 1.20 18.37
N ARG A 358 -20.72 1.09 17.12
CA ARG A 358 -20.53 2.28 16.32
C ARG A 358 -21.87 2.92 16.07
N LEU A 359 -22.85 2.11 15.75
CA LEU A 359 -24.21 2.60 15.48
C LEU A 359 -24.76 3.35 16.69
N MET A 360 -24.63 2.75 17.87
CA MET A 360 -25.03 3.44 19.12
C MET A 360 -24.35 4.78 19.35
N GLU A 361 -23.09 4.94 18.95
CA GLU A 361 -22.47 6.24 19.04
C GLU A 361 -23.12 7.14 17.98
N ALA A 362 -23.29 6.61 16.75
CA ALA A 362 -23.84 7.39 15.67
C ALA A 362 -25.25 7.81 16.04
N GLU A 363 -25.91 7.07 16.92
CA GLU A 363 -27.31 7.38 17.22
C GLU A 363 -27.48 8.15 18.50
N GLY A 364 -26.38 8.50 19.16
CA GLY A 364 -26.41 9.38 20.33
C GLY A 364 -26.58 8.68 21.68
N VAL A 365 -26.67 7.35 21.64
CA VAL A 365 -26.82 6.57 22.86
C VAL A 365 -25.61 6.69 23.78
N ILE A 366 -24.41 6.81 23.20
CA ILE A 366 -23.14 6.93 23.96
C ILE A 366 -22.21 7.97 23.34
N GLY A 367 -21.30 8.52 24.13
CA GLY A 367 -20.45 9.57 23.62
C GLY A 367 -18.99 9.43 24.03
N PRO A 368 -18.15 10.38 23.59
CA PRO A 368 -16.72 10.44 24.01
C PRO A 368 -16.58 10.51 25.51
N GLN A 369 -17.64 10.98 26.18
CA GLN A 369 -17.62 11.21 27.62
C GLN A 369 -17.71 9.91 28.33
N HIS A 370 -18.15 8.88 27.61
CA HIS A 370 -18.44 7.58 28.24
C HIS A 370 -17.36 6.58 28.07
N LEU A 371 -16.24 6.97 27.50
CA LEU A 371 -15.20 5.99 27.25
C LEU A 371 -14.70 5.44 28.56
N GLU A 372 -14.30 6.32 29.47
CA GLU A 372 -13.65 5.94 30.72
C GLU A 372 -14.61 5.27 31.69
N GLN A 373 -15.80 5.83 31.82
CA GLN A 373 -16.78 5.29 32.73
C GLN A 373 -18.15 5.38 32.07
N LEU A 374 -18.89 4.28 32.10
CA LEU A 374 -20.22 4.27 31.49
C LEU A 374 -21.32 4.56 32.51
N PRO A 375 -21.91 5.77 32.50
CA PRO A 375 -22.94 6.10 33.50
C PRO A 375 -24.06 5.08 33.48
N ARG A 376 -24.55 4.75 34.67
CA ARG A 376 -25.70 3.82 34.77
C ARG A 376 -26.86 4.13 33.82
N LYS A 377 -27.34 5.36 33.83
CA LYS A 377 -28.37 5.77 32.90
C LYS A 377 -28.09 5.30 31.47
N ASN A 378 -26.82 5.39 31.07
CA ASN A 378 -26.35 5.05 29.74
C ASN A 378 -26.30 3.53 29.57
N LYS A 379 -25.81 2.82 30.60
CA LYS A 379 -25.88 1.34 30.60
C LYS A 379 -27.31 0.91 30.25
N ILE A 380 -28.30 1.54 30.87
CA ILE A 380 -29.71 1.27 30.64
C ILE A 380 -30.07 1.53 29.18
N ALA A 381 -29.74 2.72 28.68
CA ALA A 381 -30.12 3.08 27.31
C ALA A 381 -29.50 2.15 26.27
N VAL A 382 -28.29 1.64 26.55
CA VAL A 382 -27.64 0.62 25.75
C VAL A 382 -28.42 -0.69 25.66
N ARG A 383 -28.73 -1.28 26.80
CA ARG A 383 -29.53 -2.53 26.85
C ARG A 383 -30.88 -2.37 26.18
N THR A 384 -31.49 -1.22 26.42
CA THR A 384 -32.78 -0.90 25.83
C THR A 384 -32.70 -0.76 24.32
N TRP A 385 -31.63 -0.14 23.81
CA TRP A 385 -31.41 0.01 22.36
C TRP A 385 -31.13 -1.33 21.69
N LEU A 386 -30.29 -2.16 22.32
CA LEU A 386 -30.04 -3.46 21.76
C LEU A 386 -31.36 -4.24 21.70
N PHE A 387 -32.05 -4.32 22.82
CA PHE A 387 -33.32 -5.04 22.86
C PHE A 387 -34.29 -4.51 21.81
N GLU A 388 -34.49 -3.20 21.81
CA GLU A 388 -35.43 -2.62 20.85
C GLU A 388 -34.96 -2.66 19.39
N ASN A 389 -33.64 -2.50 19.13
CA ASN A 389 -33.15 -2.23 17.78
C ASN A 389 -32.20 -3.21 17.14
N GLY A 390 -31.54 -4.00 17.96
CA GLY A 390 -30.50 -4.94 17.49
C GLY A 390 -30.91 -5.77 16.27
N GLU A 391 -32.12 -6.31 16.29
CA GLU A 391 -32.58 -7.23 15.26
C GLU A 391 -32.72 -6.48 13.96
N GLU A 392 -33.15 -5.23 14.04
CA GLU A 392 -33.27 -4.44 12.82
C GLU A 392 -31.91 -3.93 12.29
N ARG A 393 -31.01 -3.55 13.22
CA ARG A 393 -29.79 -2.85 12.82
C ARG A 393 -28.85 -3.87 12.19
N VAL A 394 -28.83 -5.03 12.81
CA VAL A 394 -28.09 -6.15 12.28
C VAL A 394 -28.40 -6.41 10.81
N THR A 395 -29.64 -6.26 10.39
CA THR A 395 -29.98 -6.45 8.97
C THR A 395 -29.52 -5.27 8.09
N ARG A 396 -28.94 -4.25 8.70
CA ARG A 396 -28.39 -3.10 7.96
C ARG A 396 -26.93 -3.34 7.67
N MET A 397 -26.45 -4.57 7.95
CA MET A 397 -25.06 -4.95 7.79
C MET A 397 -24.80 -6.17 6.90
N ALA A 398 -23.61 -6.19 6.30
CA ALA A 398 -23.12 -7.37 5.66
C ALA A 398 -21.69 -7.49 6.18
N ILE A 399 -21.52 -8.47 7.07
CA ILE A 399 -20.26 -8.73 7.77
C ILE A 399 -19.75 -10.13 7.47
N SER A 400 -18.58 -10.17 6.85
CA SER A 400 -17.86 -11.40 6.61
C SER A 400 -16.44 -11.27 7.15
N GLY A 401 -16.19 -11.90 8.27
CA GLY A 401 -14.88 -11.77 8.95
C GLY A 401 -14.65 -10.30 9.26
N ASP A 402 -13.52 -9.77 8.83
CA ASP A 402 -13.20 -8.38 9.14
C ASP A 402 -13.82 -7.45 8.10
N ASP A 403 -14.41 -8.02 7.04
CA ASP A 403 -15.03 -7.20 5.97
C ASP A 403 -16.35 -6.72 6.43
N CYS A 404 -16.63 -5.45 6.24
CA CYS A 404 -17.94 -4.94 6.64
C CYS A 404 -18.55 -3.94 5.66
N VAL A 405 -19.86 -3.97 5.57
CA VAL A 405 -20.68 -2.97 4.94
C VAL A 405 -21.80 -2.69 5.96
N VAL A 406 -22.12 -1.41 6.17
CA VAL A 406 -23.15 -1.01 7.08
C VAL A 406 -23.91 0.19 6.50
N LYS A 407 -25.22 0.18 6.62
CA LYS A 407 -26.02 1.35 6.28
C LYS A 407 -26.76 1.83 7.51
N PRO A 408 -26.26 2.90 8.14
CA PRO A 408 -26.79 3.51 9.34
C PRO A 408 -28.03 4.33 9.04
N LEU A 409 -28.76 4.72 10.09
CA LEU A 409 -29.91 5.58 9.94
C LEU A 409 -29.57 6.94 9.34
N ASP A 410 -28.41 7.49 9.68
CA ASP A 410 -28.05 8.78 9.13
C ASP A 410 -26.54 8.94 9.16
N ASP A 411 -26.05 9.97 8.47
CA ASP A 411 -24.64 10.13 8.28
C ASP A 411 -23.77 10.60 9.48
N ARG A 412 -24.35 10.88 10.64
CA ARG A 412 -23.55 10.99 11.86
C ARG A 412 -22.60 9.80 12.05
N PHE A 413 -23.00 8.64 11.53
CA PHE A 413 -22.16 7.45 11.53
C PHE A 413 -20.73 7.77 11.12
N ALA A 414 -20.60 8.65 10.12
CA ALA A 414 -19.31 9.04 9.56
C ALA A 414 -18.38 9.58 10.63
N THR A 415 -18.96 10.21 11.66
CA THR A 415 -18.13 10.82 12.70
C THR A 415 -18.17 10.03 13.99
N ALA A 416 -18.89 8.91 14.02
CA ALA A 416 -18.91 8.09 15.24
C ALA A 416 -17.66 7.26 15.36
N LEU A 417 -16.63 7.81 16.00
CA LEU A 417 -15.30 7.23 15.86
C LEU A 417 -14.63 7.03 17.18
N HIS A 418 -15.25 7.53 18.24
CA HIS A 418 -14.59 7.53 19.53
C HIS A 418 -14.53 6.11 20.10
N PHE A 419 -15.67 5.41 20.11
CA PHE A 419 -15.70 4.03 20.52
C PHE A 419 -14.89 3.15 19.56
N LEU A 420 -15.00 3.39 18.26
CA LEU A 420 -14.20 2.62 17.31
C LEU A 420 -12.68 2.66 17.61
N ASN A 421 -12.13 3.88 17.69
CA ASN A 421 -10.71 4.08 17.88
C ASN A 421 -10.31 3.55 19.26
N ALA A 422 -11.17 3.75 20.27
CA ALA A 422 -10.85 3.34 21.63
C ALA A 422 -10.84 1.80 21.73
N MET A 423 -11.55 1.13 20.82
CA MET A 423 -11.50 -0.32 20.71
C MET A 423 -10.30 -0.82 19.91
N SER A 424 -9.40 0.09 19.52
CA SER A 424 -8.22 -0.28 18.69
C SER A 424 -8.60 -0.68 17.25
N LYS A 425 -9.88 -0.53 16.91
CA LYS A 425 -10.38 -0.88 15.61
C LYS A 425 -10.22 0.31 14.70
N VAL A 426 -8.97 0.74 14.57
CA VAL A 426 -8.60 1.88 13.77
C VAL A 426 -8.77 1.57 12.30
N ARG A 427 -9.40 2.48 11.56
CA ARG A 427 -9.71 2.25 10.13
C ARG A 427 -8.49 2.38 9.26
N LYS A 428 -8.43 1.60 8.17
CA LYS A 428 -7.29 1.64 7.25
C LYS A 428 -7.22 2.89 6.32
N ASP A 429 -5.98 3.43 6.16
CA ASP A 429 -5.69 4.45 5.11
C ASP A 429 -6.48 5.74 5.19
N ILE A 430 -6.84 6.14 6.40
CA ILE A 430 -7.52 7.40 6.60
C ILE A 430 -7.06 7.93 7.95
N GLN A 431 -6.86 9.22 8.05
CA GLN A 431 -6.40 9.79 9.29
C GLN A 431 -7.41 9.50 10.39
N GLU A 432 -6.89 9.33 11.59
CA GLU A 432 -7.56 8.67 12.67
C GLU A 432 -8.92 9.26 12.99
N TRP A 433 -9.02 10.57 12.86
CA TRP A 433 -10.24 11.27 13.27
C TRP A 433 -10.91 11.90 12.10
N LYS A 434 -10.45 11.59 10.90
CA LYS A 434 -11.13 12.07 9.69
C LYS A 434 -12.45 11.32 9.47
N PRO A 435 -13.54 12.01 9.23
CA PRO A 435 -14.80 11.30 9.07
C PRO A 435 -14.72 10.30 7.93
N SER A 436 -15.41 9.16 8.05
CA SER A 436 -15.43 8.17 6.98
C SER A 436 -16.15 8.65 5.74
N HIS A 437 -15.82 8.04 4.61
CA HIS A 437 -16.51 8.28 3.35
C HIS A 437 -17.57 7.24 3.18
N GLY A 438 -18.76 7.66 2.76
CA GLY A 438 -19.83 6.71 2.46
C GLY A 438 -20.20 6.91 0.99
N TRP A 439 -20.99 6.00 0.44
CA TRP A 439 -21.38 6.07 -0.94
C TRP A 439 -22.90 6.11 -1.03
N HIS A 440 -23.46 6.93 -1.93
CA HIS A 440 -24.93 6.93 -2.16
C HIS A 440 -25.30 5.74 -3.01
N ASP A 441 -24.35 5.29 -3.82
CA ASP A 441 -24.56 4.22 -4.79
C ASP A 441 -23.99 2.91 -4.27
N TRP A 442 -24.87 1.92 -3.99
CA TRP A 442 -24.45 0.60 -3.46
C TRP A 442 -23.51 -0.15 -4.41
N GLN A 443 -23.61 0.14 -5.71
CA GLN A 443 -22.70 -0.46 -6.69
C GLN A 443 -21.26 0.04 -6.61
N GLN A 444 -21.02 1.06 -5.79
CA GLN A 444 -19.65 1.55 -5.57
C GLN A 444 -19.01 0.89 -4.35
N VAL A 445 -19.80 0.17 -3.58
CA VAL A 445 -19.35 -0.24 -2.26
C VAL A 445 -18.53 -1.51 -2.36
N PRO A 446 -17.32 -1.56 -1.78
CA PRO A 446 -16.43 -2.76 -1.85
C PRO A 446 -16.70 -3.70 -0.71
N PHE A 447 -16.64 -5.00 -1.00
CA PHE A 447 -17.01 -6.04 0.00
C PHE A 447 -16.51 -7.38 -0.48
N CYS A 448 -15.71 -8.06 0.34
CA CYS A 448 -15.14 -9.34 -0.06
C CYS A 448 -14.48 -9.29 -1.46
N SER A 449 -13.64 -8.28 -1.65
CA SER A 449 -12.75 -8.15 -2.80
C SER A 449 -13.46 -7.84 -4.11
N ASN A 450 -14.78 -7.68 -4.02
CA ASN A 450 -15.53 -7.27 -5.16
C ASN A 450 -16.28 -5.92 -4.98
N HIS A 451 -16.82 -5.40 -6.08
CA HIS A 451 -18.02 -4.56 -5.98
C HIS A 451 -19.08 -5.25 -6.88
N PHE A 452 -20.25 -4.63 -6.99
CA PHE A 452 -21.38 -5.31 -7.54
C PHE A 452 -22.16 -4.35 -8.36
N GLN A 453 -22.52 -4.80 -9.58
CA GLN A 453 -23.15 -3.97 -10.62
C GLN A 453 -24.44 -4.61 -11.01
N GLU A 454 -25.44 -3.79 -11.23
CA GLU A 454 -26.70 -4.27 -11.71
C GLU A 454 -26.67 -4.11 -13.22
N ILE A 455 -26.82 -5.23 -13.95
CA ILE A 455 -26.83 -5.15 -15.40
C ILE A 455 -28.06 -5.77 -16.05
N VAL A 456 -28.47 -5.14 -17.16
CA VAL A 456 -29.72 -5.47 -17.87
C VAL A 456 -29.46 -6.50 -18.97
N MET A 457 -30.14 -7.64 -18.89
CA MET A 457 -29.93 -8.67 -19.89
C MET A 457 -30.78 -8.31 -21.11
N LYS A 458 -30.41 -8.86 -22.25
CA LYS A 458 -31.09 -8.58 -23.51
C LYS A 458 -32.61 -8.70 -23.41
N ASP A 459 -33.08 -9.70 -22.66
CA ASP A 459 -34.51 -9.99 -22.51
C ASP A 459 -35.29 -9.13 -21.48
N GLY A 460 -34.73 -8.01 -21.06
CA GLY A 460 -35.41 -7.09 -20.12
C GLY A 460 -35.03 -7.27 -18.65
N ARG A 461 -34.70 -8.48 -18.28
CA ARG A 461 -34.39 -8.78 -16.89
C ARG A 461 -32.95 -8.35 -16.52
N SER A 462 -32.72 -8.20 -15.22
CA SER A 462 -31.44 -7.70 -14.74
C SER A 462 -30.85 -8.59 -13.66
N ILE A 463 -29.52 -8.52 -13.54
CA ILE A 463 -28.81 -9.31 -12.57
C ILE A 463 -27.75 -8.47 -11.90
N VAL A 464 -27.45 -8.81 -10.65
CA VAL A 464 -26.44 -8.12 -9.89
C VAL A 464 -25.20 -9.04 -9.82
N VAL A 465 -24.17 -8.65 -10.55
CA VAL A 465 -22.99 -9.48 -10.72
C VAL A 465 -21.79 -8.88 -9.99
N PRO A 466 -20.78 -9.72 -9.64
CA PRO A 466 -19.60 -9.16 -9.01
C PRO A 466 -18.50 -8.83 -10.02
N CYS A 467 -17.77 -7.72 -9.81
CA CYS A 467 -16.64 -7.30 -10.63
C CYS A 467 -15.44 -7.06 -9.69
N ARG A 468 -14.25 -7.42 -10.15
CA ARG A 468 -13.04 -7.10 -9.43
C ARG A 468 -11.93 -6.96 -10.43
N GLY A 469 -10.88 -6.26 -10.02
CA GLY A 469 -9.78 -5.97 -10.90
C GLY A 469 -9.34 -7.21 -11.65
N GLN A 470 -9.42 -7.10 -12.96
CA GLN A 470 -9.12 -8.18 -13.89
C GLN A 470 -7.67 -8.65 -13.84
N ASP A 471 -6.72 -7.73 -13.66
CA ASP A 471 -5.29 -8.10 -13.50
C ASP A 471 -5.10 -9.12 -12.40
N GLU A 472 -5.72 -8.86 -11.25
CA GLU A 472 -5.59 -9.79 -10.16
C GLU A 472 -6.07 -11.19 -10.56
N LEU A 473 -7.13 -11.26 -11.35
CA LEU A 473 -7.77 -12.55 -11.66
C LEU A 473 -6.88 -13.34 -12.58
N ILE A 474 -6.35 -12.67 -13.61
CA ILE A 474 -5.44 -13.27 -14.60
C ILE A 474 -4.14 -13.65 -13.92
N GLY A 475 -3.66 -12.78 -13.06
CA GLY A 475 -2.45 -13.03 -12.31
C GLY A 475 -2.56 -14.31 -11.48
N ARG A 476 -3.69 -14.44 -10.78
CA ARG A 476 -3.88 -15.60 -9.96
C ARG A 476 -4.02 -16.90 -10.75
N ALA A 477 -4.71 -16.83 -11.91
CA ALA A 477 -4.90 -17.99 -12.77
C ALA A 477 -3.54 -18.42 -13.33
N ARG A 478 -2.70 -17.44 -13.60
CA ARG A 478 -1.34 -17.74 -14.10
C ARG A 478 -0.50 -18.51 -13.09
N ILE A 479 -0.83 -18.44 -11.81
CA ILE A 479 0.01 -19.13 -10.84
C ILE A 479 -0.37 -20.59 -10.65
N SER A 480 0.63 -21.45 -10.70
CA SER A 480 0.39 -22.85 -10.51
C SER A 480 1.06 -23.22 -9.20
N PRO A 481 0.32 -23.87 -8.30
CA PRO A 481 0.84 -24.16 -6.96
C PRO A 481 1.74 -25.36 -7.02
N GLY A 482 1.76 -26.03 -8.16
CA GLY A 482 2.42 -27.34 -8.25
C GLY A 482 3.93 -27.40 -8.08
N ALA A 483 4.41 -28.62 -7.90
CA ALA A 483 5.76 -29.04 -8.28
C ALA A 483 5.44 -30.40 -8.89
N GLY A 484 4.58 -31.12 -8.15
CA GLY A 484 3.85 -32.33 -8.58
C GLY A 484 2.46 -32.07 -9.18
N TRP A 485 2.36 -30.99 -9.96
CA TRP A 485 1.22 -30.75 -10.85
C TRP A 485 1.58 -31.05 -12.33
N ASN A 486 1.02 -32.17 -12.81
CA ASN A 486 1.02 -32.66 -14.20
C ASN A 486 0.73 -31.66 -15.32
N VAL A 487 1.02 -32.09 -16.55
CA VAL A 487 0.39 -31.47 -17.70
C VAL A 487 -1.11 -31.47 -17.47
N LYS A 488 -1.65 -32.65 -17.10
CA LYS A 488 -3.08 -32.79 -16.88
C LYS A 488 -3.60 -31.88 -15.74
N ASP A 489 -2.98 -31.97 -14.60
CA ASP A 489 -3.37 -31.15 -13.46
C ASP A 489 -3.27 -29.66 -13.74
N THR A 490 -2.31 -29.29 -14.58
CA THR A 490 -2.11 -27.95 -14.98
C THR A 490 -3.25 -27.48 -15.86
N ALA A 491 -3.63 -28.34 -16.79
CA ALA A 491 -4.74 -28.01 -17.67
C ALA A 491 -6.08 -28.01 -16.93
N CYS A 492 -6.21 -28.84 -15.90
CA CYS A 492 -7.48 -28.91 -15.20
C CYS A 492 -7.61 -27.72 -14.27
N LEU A 493 -6.51 -27.26 -13.71
CA LEU A 493 -6.48 -26.04 -12.94
C LEU A 493 -6.82 -24.83 -13.79
N ALA A 494 -6.19 -24.71 -14.98
CA ALA A 494 -6.52 -23.62 -15.88
C ALA A 494 -8.00 -23.62 -16.16
N LYS A 495 -8.57 -24.83 -16.28
CA LYS A 495 -9.99 -25.01 -16.61
C LYS A 495 -10.90 -24.62 -15.44
N ALA A 496 -10.42 -24.87 -14.22
CA ALA A 496 -11.12 -24.43 -13.01
C ALA A 496 -11.28 -22.92 -12.98
N TYR A 497 -10.21 -22.21 -13.34
CA TYR A 497 -10.23 -20.75 -13.39
C TYR A 497 -11.16 -20.22 -14.46
N ALA A 498 -11.06 -20.83 -15.64
CA ALA A 498 -11.81 -20.36 -16.77
C ALA A 498 -13.28 -20.53 -16.46
N GLN A 499 -13.63 -21.67 -15.88
CA GLN A 499 -15.04 -21.91 -15.61
C GLN A 499 -15.50 -21.07 -14.40
N MET A 500 -14.55 -20.72 -13.51
CA MET A 500 -14.91 -19.78 -12.48
C MET A 500 -15.30 -18.45 -13.10
N TRP A 501 -14.50 -18.00 -14.04
CA TRP A 501 -14.80 -16.75 -14.70
C TRP A 501 -16.15 -16.79 -15.45
N LEU A 502 -16.55 -17.96 -15.91
CA LEU A 502 -17.78 -18.04 -16.74
C LEU A 502 -18.96 -17.96 -15.82
N LEU A 503 -18.79 -18.41 -14.59
CA LEU A 503 -19.91 -18.41 -13.70
C LEU A 503 -20.05 -17.08 -12.99
N LEU A 504 -18.94 -16.40 -12.69
CA LEU A 504 -18.96 -15.13 -11.90
C LEU A 504 -18.55 -13.86 -12.63
N TYR A 505 -17.75 -13.99 -13.69
CA TYR A 505 -17.18 -12.82 -14.33
C TYR A 505 -17.35 -12.89 -15.83
N PHE A 506 -18.31 -13.71 -16.27
CA PHE A 506 -18.71 -13.78 -17.66
C PHE A 506 -18.97 -12.40 -18.30
N HIS A 507 -19.38 -11.42 -17.50
CA HIS A 507 -19.70 -10.06 -17.95
C HIS A 507 -18.48 -9.23 -18.32
N ARG A 508 -17.29 -9.82 -18.17
CA ARG A 508 -16.05 -9.16 -18.55
C ARG A 508 -15.55 -9.73 -19.89
N ARG A 509 -15.47 -8.88 -20.88
CA ARG A 509 -15.10 -9.29 -22.19
C ARG A 509 -13.82 -10.12 -22.32
N ASP A 510 -12.71 -9.64 -21.78
CA ASP A 510 -11.43 -10.33 -21.89
C ASP A 510 -11.48 -11.68 -21.19
N LEU A 511 -12.14 -11.75 -20.04
CA LEU A 511 -12.20 -13.02 -19.32
C LEU A 511 -13.13 -14.02 -20.01
N ARG A 512 -14.29 -13.57 -20.45
CA ARG A 512 -15.18 -14.42 -21.27
C ARG A 512 -14.38 -15.01 -22.43
N LEU A 513 -13.70 -14.12 -23.17
CA LEU A 513 -12.88 -14.54 -24.29
C LEU A 513 -11.75 -15.50 -23.86
N MET A 514 -11.19 -15.31 -22.67
CA MET A 514 -10.05 -16.13 -22.23
C MET A 514 -10.48 -17.44 -21.58
N ALA A 515 -11.64 -17.45 -20.97
CA ALA A 515 -12.23 -18.67 -20.44
C ALA A 515 -12.55 -19.65 -21.56
N ASN A 516 -13.23 -19.15 -22.59
CA ASN A 516 -13.58 -19.95 -23.76
C ASN A 516 -12.36 -20.60 -24.41
N ALA A 517 -11.33 -19.81 -24.66
CA ALA A 517 -10.13 -20.27 -25.33
C ALA A 517 -9.42 -21.32 -24.51
N ILE A 518 -9.37 -21.13 -23.20
CA ILE A 518 -8.81 -22.12 -22.31
C ILE A 518 -9.57 -23.42 -22.40
N CYS A 519 -10.90 -23.32 -22.50
CA CYS A 519 -11.81 -24.48 -22.48
C CYS A 519 -11.80 -25.22 -23.80
N SER A 520 -11.70 -24.44 -24.89
CA SER A 520 -11.40 -24.99 -26.22
C SER A 520 -10.09 -25.78 -26.26
N ALA A 521 -9.16 -25.47 -25.36
CA ALA A 521 -7.79 -25.90 -25.45
C ALA A 521 -7.47 -27.11 -24.59
N VAL A 522 -8.37 -27.39 -23.66
CA VAL A 522 -8.22 -28.50 -22.73
C VAL A 522 -9.33 -29.51 -23.06
N PRO A 523 -9.01 -30.83 -23.05
CA PRO A 523 -9.97 -31.91 -23.30
C PRO A 523 -11.31 -31.71 -22.58
N VAL A 524 -12.39 -31.72 -23.36
CA VAL A 524 -13.75 -31.44 -22.87
C VAL A 524 -14.17 -32.34 -21.72
N ASP A 525 -13.47 -33.46 -21.55
CA ASP A 525 -13.83 -34.46 -20.56
C ASP A 525 -12.93 -34.48 -19.33
N TRP A 526 -11.85 -33.69 -19.32
CA TRP A 526 -11.08 -33.52 -18.10
C TRP A 526 -11.86 -32.68 -17.08
N VAL A 527 -11.87 -33.17 -15.84
CA VAL A 527 -12.53 -32.51 -14.69
C VAL A 527 -11.57 -31.50 -14.07
N PRO A 528 -12.01 -30.23 -13.94
CA PRO A 528 -11.23 -29.22 -13.24
C PRO A 528 -10.79 -29.71 -11.85
N THR A 529 -9.59 -29.36 -11.46
CA THR A 529 -9.09 -29.72 -10.12
C THR A 529 -8.40 -28.49 -9.54
N GLY A 530 -8.11 -28.57 -8.25
CA GLY A 530 -7.35 -27.52 -7.58
C GLY A 530 -8.31 -26.46 -7.08
N ARG A 531 -7.78 -25.32 -6.63
CA ARG A 531 -8.62 -24.25 -6.12
C ARG A 531 -8.26 -22.88 -6.68
N THR A 532 -9.30 -22.11 -6.97
CA THR A 532 -9.14 -20.86 -7.64
C THR A 532 -9.27 -19.69 -6.67
N SER A 533 -9.68 -19.98 -5.44
CA SER A 533 -9.94 -19.00 -4.37
C SER A 533 -9.87 -19.64 -2.97
N TRP A 534 -9.48 -18.86 -1.97
CA TRP A 534 -9.47 -19.36 -0.59
C TRP A 534 -10.74 -18.86 0.07
N SER A 535 -11.42 -17.93 -0.59
CA SER A 535 -12.57 -17.30 0.01
C SER A 535 -13.68 -18.28 0.40
N ILE A 536 -14.13 -18.07 1.64
CA ILE A 536 -15.25 -18.80 2.17
C ILE A 536 -16.47 -18.60 1.26
N HIS A 537 -16.45 -17.55 0.43
CA HIS A 537 -17.54 -17.27 -0.53
C HIS A 537 -17.37 -17.88 -1.89
N SER A 538 -16.25 -18.59 -2.11
CA SER A 538 -16.01 -19.25 -3.39
C SER A 538 -16.50 -20.67 -3.33
N LYS A 539 -17.65 -20.92 -3.95
CA LYS A 539 -18.35 -22.18 -3.75
C LYS A 539 -17.97 -23.30 -4.69
N GLY A 540 -17.48 -22.97 -5.88
CA GLY A 540 -16.90 -23.99 -6.77
C GLY A 540 -17.88 -24.78 -7.60
N GLU A 541 -18.99 -24.15 -7.99
CA GLU A 541 -19.94 -24.75 -8.93
C GLU A 541 -19.28 -24.95 -10.29
N TRP A 542 -18.09 -24.36 -10.47
CA TRP A 542 -17.32 -24.47 -11.71
C TRP A 542 -16.42 -25.70 -11.72
N MET A 543 -16.25 -26.37 -10.58
CA MET A 543 -15.50 -27.65 -10.53
C MET A 543 -16.36 -28.78 -11.12
N THR A 544 -16.57 -28.74 -12.42
CA THR A 544 -17.42 -29.73 -13.06
C THR A 544 -17.08 -29.86 -14.55
N THR A 545 -17.64 -30.90 -15.17
CA THR A 545 -17.55 -31.09 -16.61
C THR A 545 -18.93 -30.83 -17.21
N GLU A 546 -19.91 -30.52 -16.36
CA GLU A 546 -21.20 -30.07 -16.85
C GLU A 546 -21.05 -28.79 -17.72
N ASP A 547 -21.80 -28.71 -18.81
CA ASP A 547 -21.79 -27.54 -19.67
C ASP A 547 -22.06 -26.26 -18.82
N MET A 548 -21.14 -25.30 -18.88
CA MET A 548 -21.22 -24.12 -17.99
C MET A 548 -22.48 -23.23 -18.18
N LEU A 549 -23.12 -23.30 -19.35
CA LEU A 549 -24.34 -22.55 -19.56
C LEU A 549 -25.42 -23.05 -18.64
N GLN A 550 -25.44 -24.37 -18.47
CA GLN A 550 -26.43 -25.03 -17.66
C GLN A 550 -26.24 -24.65 -16.21
N VAL A 551 -24.98 -24.62 -15.80
CA VAL A 551 -24.60 -24.22 -14.44
C VAL A 551 -24.92 -22.75 -14.24
N TRP A 552 -24.57 -21.93 -15.23
CA TRP A 552 -24.90 -20.51 -15.22
C TRP A 552 -26.42 -20.36 -15.05
N ASN A 553 -27.22 -21.05 -15.88
CA ASN A 553 -28.65 -20.99 -15.68
C ASN A 553 -29.11 -21.37 -14.28
N ARG A 554 -28.47 -22.37 -13.72
CA ARG A 554 -28.89 -22.83 -12.41
C ARG A 554 -28.60 -21.77 -11.33
N VAL A 555 -27.44 -21.09 -11.44
CA VAL A 555 -27.05 -20.13 -10.43
C VAL A 555 -27.80 -18.79 -10.60
N TRP A 556 -27.85 -18.29 -11.83
CA TRP A 556 -28.33 -16.95 -12.07
C TRP A 556 -29.83 -16.81 -12.29
N ILE A 557 -30.53 -17.93 -12.48
CA ILE A 557 -31.97 -17.92 -12.80
C ILE A 557 -32.66 -18.82 -11.80
N GLU A 558 -32.41 -20.11 -11.98
CA GLU A 558 -33.10 -21.14 -11.26
C GLU A 558 -32.98 -20.98 -9.73
N GLU A 559 -31.75 -20.90 -9.23
CA GLU A 559 -31.54 -20.85 -7.79
C GLU A 559 -31.40 -19.42 -7.30
N ASN A 560 -31.41 -18.46 -8.23
CA ASN A 560 -31.38 -17.05 -7.88
C ASN A 560 -32.70 -16.56 -7.26
N GLU A 561 -32.73 -16.41 -5.94
CA GLU A 561 -33.99 -16.04 -5.26
C GLU A 561 -34.42 -14.62 -5.47
N TRP A 562 -33.60 -13.83 -6.18
CA TRP A 562 -33.99 -12.48 -6.60
C TRP A 562 -34.46 -12.48 -8.04
N MET A 563 -34.55 -13.66 -8.62
CA MET A 563 -34.96 -13.78 -10.00
C MET A 563 -36.37 -14.38 -9.99
N MET A 564 -37.39 -13.55 -10.26
CA MET A 564 -38.77 -14.02 -10.17
C MET A 564 -39.21 -14.78 -11.41
N ASP A 565 -38.91 -14.25 -12.59
CA ASP A 565 -39.08 -14.99 -13.86
C ASP A 565 -38.04 -16.10 -14.02
N LYS A 566 -38.50 -17.36 -14.05
CA LYS A 566 -37.62 -18.49 -14.16
C LYS A 566 -37.28 -18.92 -15.60
N THR A 567 -37.66 -18.11 -16.58
CA THR A 567 -37.36 -18.46 -17.97
C THR A 567 -35.84 -18.62 -18.19
N PRO A 568 -35.38 -19.85 -18.51
CA PRO A 568 -33.96 -20.20 -18.81
C PRO A 568 -33.32 -19.33 -19.92
N ILE A 569 -32.06 -18.93 -19.73
CA ILE A 569 -31.32 -18.28 -20.79
C ILE A 569 -30.82 -19.37 -21.73
N ALA A 570 -30.98 -19.18 -23.04
CA ALA A 570 -30.70 -20.24 -24.01
C ALA A 570 -29.30 -20.28 -24.63
N SER A 571 -28.67 -19.11 -24.79
CA SER A 571 -27.27 -19.11 -25.26
C SER A 571 -26.40 -18.02 -24.64
N TRP A 572 -25.09 -18.25 -24.66
CA TRP A 572 -24.13 -17.26 -24.18
C TRP A 572 -24.33 -15.87 -24.76
N THR A 573 -24.81 -15.81 -26.00
CA THR A 573 -25.01 -14.52 -26.68
C THR A 573 -26.13 -13.73 -26.04
N ASP A 574 -26.83 -14.35 -25.10
CA ASP A 574 -27.88 -13.68 -24.36
C ASP A 574 -27.45 -13.35 -22.92
N VAL A 575 -26.27 -13.85 -22.54
CA VAL A 575 -25.70 -13.56 -21.24
C VAL A 575 -24.92 -12.24 -21.36
N PRO A 576 -25.30 -11.22 -20.56
CA PRO A 576 -24.80 -9.82 -20.67
C PRO A 576 -23.34 -9.59 -20.26
N TYR A 577 -22.78 -8.49 -20.75
CA TYR A 577 -21.52 -7.96 -20.32
C TYR A 577 -21.79 -6.66 -19.56
N VAL A 578 -20.91 -6.26 -18.64
CA VAL A 578 -21.00 -4.91 -18.09
C VAL A 578 -20.89 -3.94 -19.27
N GLY A 579 -21.16 -2.66 -19.08
CA GLY A 579 -20.85 -1.71 -20.14
C GLY A 579 -19.33 -1.53 -20.27
N LYS A 580 -18.87 -1.17 -21.46
CA LYS A 580 -17.44 -1.00 -21.74
C LYS A 580 -16.71 -0.11 -20.72
N ARG A 581 -17.34 0.99 -20.37
CA ARG A 581 -16.80 1.90 -19.39
C ARG A 581 -16.40 1.21 -18.07
N GLU A 582 -17.33 0.48 -17.50
CA GLU A 582 -17.06 -0.37 -16.38
C GLU A 582 -15.93 -1.38 -16.64
N ASP A 583 -16.01 -2.13 -17.73
CA ASP A 583 -15.04 -3.19 -18.06
C ASP A 583 -13.61 -2.57 -18.04
N ILE A 584 -13.49 -1.41 -18.68
CA ILE A 584 -12.24 -0.67 -18.69
C ILE A 584 -11.83 -0.18 -17.27
N TRP A 585 -12.81 0.28 -16.49
CA TRP A 585 -12.50 0.78 -15.18
C TRP A 585 -11.84 -0.35 -14.39
N CYS A 586 -12.37 -1.56 -14.54
CA CYS A 586 -11.88 -2.67 -13.74
C CYS A 586 -10.81 -3.51 -14.40
N GLY A 587 -10.15 -2.92 -15.38
CA GLY A 587 -8.91 -3.43 -15.89
C GLY A 587 -8.91 -4.08 -17.22
N SER A 588 -10.05 -3.99 -17.92
CA SER A 588 -10.16 -4.55 -19.28
C SER A 588 -9.09 -3.99 -20.21
N LEU A 589 -8.71 -4.77 -21.23
CA LEU A 589 -7.82 -4.25 -22.27
C LEU A 589 -8.49 -3.98 -23.57
N ILE A 590 -9.82 -4.01 -23.62
CA ILE A 590 -10.50 -3.74 -24.91
C ILE A 590 -10.11 -2.35 -25.38
N GLY A 591 -10.18 -2.16 -26.70
CA GLY A 591 -9.85 -0.87 -27.30
C GLY A 591 -8.35 -0.67 -27.33
N THR A 592 -7.63 -1.77 -27.46
CA THR A 592 -6.19 -1.79 -27.32
C THR A 592 -5.58 -2.60 -28.44
N ARG A 593 -4.40 -2.21 -28.87
CA ARG A 593 -3.82 -2.85 -30.04
C ARG A 593 -3.38 -4.29 -29.74
N SER A 594 -2.75 -4.50 -28.59
CA SER A 594 -2.31 -5.85 -28.24
C SER A 594 -3.48 -6.81 -27.97
N ARG A 595 -4.55 -6.30 -27.36
CA ARG A 595 -5.71 -7.13 -27.10
C ARG A 595 -6.53 -7.40 -28.37
N ALA A 596 -6.49 -6.46 -29.32
CA ALA A 596 -7.10 -6.72 -30.62
C ALA A 596 -6.30 -7.79 -31.35
N THR A 597 -4.97 -7.63 -31.40
CA THR A 597 -4.12 -8.64 -32.02
C THR A 597 -4.37 -10.02 -31.44
N TRP A 598 -4.51 -10.06 -30.11
CA TRP A 598 -4.66 -11.26 -29.33
C TRP A 598 -5.97 -12.00 -29.63
N ALA A 599 -7.06 -11.24 -29.58
CA ALA A 599 -8.37 -11.77 -29.98
C ALA A 599 -8.34 -12.35 -31.40
N GLU A 600 -7.46 -11.81 -32.25
CA GLU A 600 -7.45 -12.17 -33.65
C GLU A 600 -6.51 -13.34 -33.92
N ASN A 601 -5.67 -13.72 -32.97
CA ASN A 601 -4.69 -14.78 -33.22
C ASN A 601 -4.91 -15.91 -32.25
N ILE A 602 -5.94 -15.77 -31.42
CA ILE A 602 -6.14 -16.67 -30.29
C ILE A 602 -5.93 -18.15 -30.67
N TYR A 603 -6.46 -18.51 -31.84
CA TYR A 603 -6.49 -19.87 -32.26
C TYR A 603 -5.12 -20.51 -32.32
N ALA A 604 -4.10 -19.74 -32.67
CA ALA A 604 -2.73 -20.24 -32.66
C ALA A 604 -2.37 -20.78 -31.27
N ALA A 605 -2.73 -20.03 -30.23
CA ALA A 605 -2.42 -20.43 -28.87
C ALA A 605 -3.21 -21.68 -28.49
N ILE A 606 -4.53 -21.64 -28.74
CA ILE A 606 -5.36 -22.82 -28.54
C ILE A 606 -4.78 -24.07 -29.24
N ASN A 607 -4.35 -23.91 -30.50
CA ASN A 607 -3.76 -25.02 -31.24
C ASN A 607 -2.45 -25.52 -30.66
N GLN A 608 -1.61 -24.60 -30.21
CA GLN A 608 -0.35 -24.99 -29.62
C GLN A 608 -0.60 -25.76 -28.32
N VAL A 609 -1.64 -25.39 -27.59
CA VAL A 609 -2.01 -26.18 -26.43
C VAL A 609 -2.59 -27.57 -26.79
N ARG A 610 -3.55 -27.62 -27.70
CA ARG A 610 -4.09 -28.93 -28.13
C ARG A 610 -2.95 -29.84 -28.59
N ALA A 611 -1.95 -29.25 -29.22
CA ALA A 611 -0.83 -30.05 -29.76
C ALA A 611 0.19 -30.46 -28.69
N VAL A 612 0.26 -29.74 -27.59
CA VAL A 612 1.11 -30.23 -26.51
C VAL A 612 0.34 -31.36 -25.81
N ILE A 613 -0.91 -31.11 -25.48
CA ILE A 613 -1.61 -32.11 -24.73
C ILE A 613 -1.77 -33.38 -25.55
N GLY A 614 -2.09 -33.19 -26.82
CA GLY A 614 -2.21 -34.32 -27.76
C GLY A 614 -3.64 -34.69 -28.18
N LYS A 615 -3.78 -35.89 -28.73
CA LYS A 615 -5.05 -36.33 -29.31
C LYS A 615 -6.11 -36.64 -28.26
N GLU A 616 -7.13 -35.80 -28.17
CA GLU A 616 -8.17 -35.93 -27.16
C GLU A 616 -9.46 -35.33 -27.73
N ASN A 617 -10.58 -35.48 -27.02
CA ASN A 617 -11.79 -34.80 -27.43
C ASN A 617 -11.73 -33.34 -27.05
N TYR A 618 -11.77 -32.47 -28.04
CA TYR A 618 -11.79 -31.03 -27.79
C TYR A 618 -13.05 -30.48 -28.35
N VAL A 619 -13.30 -29.22 -28.06
CA VAL A 619 -14.51 -28.54 -28.47
C VAL A 619 -14.18 -27.07 -28.75
N ASP A 620 -14.79 -26.51 -29.79
CA ASP A 620 -14.54 -25.14 -30.22
C ASP A 620 -15.57 -24.19 -29.62
N TYR A 621 -15.22 -23.56 -28.50
CA TYR A 621 -16.07 -22.58 -27.85
C TYR A 621 -15.91 -21.14 -28.31
N MET A 622 -15.02 -20.89 -29.28
CA MET A 622 -14.85 -19.52 -29.84
C MET A 622 -15.92 -19.02 -30.86
N THR A 623 -16.88 -19.88 -31.22
CA THR A 623 -17.91 -19.54 -32.23
C THR A 623 -18.73 -18.32 -31.81
N SER B 8 35.04 9.71 19.94
CA SER B 8 34.90 11.18 19.70
C SER B 8 33.77 11.39 18.70
N ASN B 9 32.58 10.97 19.14
CA ASN B 9 31.33 11.23 18.48
C ASN B 9 30.44 11.96 19.50
N GLN B 10 30.43 11.45 20.74
CA GLN B 10 29.82 12.15 21.87
C GLN B 10 30.39 13.57 21.88
N GLU B 11 31.61 13.65 21.33
CA GLU B 11 32.39 14.88 21.23
C GLU B 11 31.85 15.84 20.18
N LYS B 12 31.41 15.29 19.06
CA LYS B 12 30.99 16.09 17.97
C LYS B 12 29.56 16.62 18.11
N ILE B 13 28.79 16.08 19.06
CA ILE B 13 27.39 16.51 19.25
C ILE B 13 27.15 17.23 20.56
N LYS B 14 28.13 17.14 21.45
CA LYS B 14 28.07 17.70 22.81
C LYS B 14 27.47 19.10 22.87
N LYS B 15 27.98 19.99 22.04
CA LYS B 15 27.59 21.39 22.13
C LYS B 15 26.10 21.54 21.85
N ARG B 16 25.61 20.83 20.83
CA ARG B 16 24.22 20.97 20.43
C ARG B 16 23.29 20.51 21.51
N ILE B 17 23.69 19.43 22.19
CA ILE B 17 22.91 18.88 23.31
C ILE B 17 22.95 19.81 24.50
N GLN B 18 24.17 20.26 24.78
CA GLN B 18 24.41 21.20 25.85
C GLN B 18 23.48 22.41 25.72
N LYS B 19 23.35 22.96 24.52
CA LYS B 19 22.52 24.15 24.33
C LYS B 19 21.06 23.89 24.56
N LEU B 20 20.63 22.63 24.33
CA LEU B 20 19.22 22.23 24.57
C LEU B 20 18.96 21.95 26.06
N LYS B 21 19.81 21.14 26.71
CA LYS B 21 19.85 21.06 28.17
C LYS B 21 19.81 22.45 28.85
N GLU B 22 20.60 23.42 28.40
CA GLU B 22 20.51 24.80 28.95
C GLU B 22 19.17 25.46 28.72
N GLU B 23 18.75 25.53 27.46
CA GLU B 23 17.55 26.24 27.15
C GLU B 23 16.31 25.65 27.86
N PHE B 24 16.27 24.34 28.04
CA PHE B 24 15.08 23.69 28.55
C PHE B 24 15.30 23.02 29.92
N ALA B 25 16.24 23.57 30.68
CA ALA B 25 16.59 23.04 32.00
C ALA B 25 15.40 23.05 32.95
N THR B 26 14.48 23.99 32.74
CA THR B 26 13.24 23.99 33.51
C THR B 26 12.63 22.58 33.64
N THR B 27 12.62 21.81 32.54
CA THR B 27 11.81 20.58 32.45
C THR B 27 12.55 19.34 31.96
N TRP B 28 13.85 19.52 31.70
CA TRP B 28 14.69 18.46 31.17
C TRP B 28 14.65 17.19 32.05
N HIS B 29 14.63 16.02 31.42
CA HIS B 29 14.69 14.74 32.14
C HIS B 29 15.07 13.64 31.19
N LYS B 30 15.63 12.55 31.70
CA LYS B 30 15.82 11.36 30.92
C LYS B 30 14.68 10.40 31.20
N ASP B 31 13.79 10.21 30.23
CA ASP B 31 12.71 9.21 30.32
C ASP B 31 13.22 7.80 30.05
N PRO B 32 13.15 6.92 31.07
CA PRO B 32 13.75 5.58 31.00
C PRO B 32 13.03 4.63 30.05
N GLU B 33 11.82 4.99 29.61
CA GLU B 33 11.08 4.11 28.71
C GLU B 33 10.90 4.68 27.29
N HIS B 34 11.86 5.49 26.84
CA HIS B 34 11.90 6.00 25.45
C HIS B 34 11.95 4.84 24.43
N PRO B 35 11.32 5.02 23.26
CA PRO B 35 11.12 3.97 22.26
C PRO B 35 12.30 3.75 21.32
N TYR B 36 13.31 4.62 21.36
CA TYR B 36 14.34 4.64 20.34
C TYR B 36 15.24 3.43 20.38
N ARG B 37 15.40 2.83 19.21
CA ARG B 37 16.14 1.59 19.10
C ARG B 37 17.51 1.77 18.45
N THR B 38 17.61 2.60 17.40
CA THR B 38 18.86 2.77 16.64
C THR B 38 19.41 4.19 16.77
N TRP B 39 18.81 4.97 17.67
CA TRP B 39 19.22 6.33 17.97
C TRP B 39 19.55 6.43 19.46
N THR B 40 20.59 7.19 19.76
CA THR B 40 20.95 7.43 21.13
C THR B 40 20.00 8.48 21.68
N TYR B 41 19.40 8.16 22.82
CA TYR B 41 18.50 9.07 23.51
C TYR B 41 19.27 9.88 24.57
N HIS B 42 18.99 11.18 24.68
CA HIS B 42 19.72 12.09 25.60
C HIS B 42 18.85 12.63 26.70
N GLY B 43 17.60 12.92 26.35
CA GLY B 43 16.64 13.40 27.29
C GLY B 43 15.42 13.98 26.62
N SER B 44 14.48 14.41 27.44
CA SER B 44 13.26 15.00 26.93
C SER B 44 12.99 16.33 27.65
N TYR B 45 12.02 17.10 27.15
CA TYR B 45 11.46 18.26 27.85
C TYR B 45 10.03 18.46 27.42
N GLU B 46 9.28 19.26 28.19
CA GLU B 46 7.87 19.52 27.90
C GLU B 46 7.69 20.60 26.85
N VAL B 47 6.76 20.36 25.93
CA VAL B 47 6.42 21.32 24.89
C VAL B 47 4.92 21.34 24.70
N LYS B 48 4.47 22.35 23.96
CA LYS B 48 3.12 22.42 23.43
C LYS B 48 3.10 21.58 22.14
N ALA B 49 2.11 20.69 22.03
CA ALA B 49 1.94 19.79 20.87
C ALA B 49 1.38 20.52 19.60
N THR B 50 1.96 20.21 18.43
CA THR B 50 1.44 20.65 17.10
C THR B 50 0.27 19.74 16.62
N GLY B 51 -0.29 20.03 15.43
CA GLY B 51 -1.41 19.23 14.91
C GLY B 51 -2.04 19.83 13.66
N LEU B 56 -9.92 21.94 6.15
CA LEU B 56 -9.30 22.91 5.23
C LEU B 56 -9.63 22.68 3.71
N VAL B 57 -10.88 22.96 3.31
CA VAL B 57 -11.29 22.73 1.93
C VAL B 57 -11.31 23.94 1.01
N ASN B 58 -10.75 23.80 -0.20
CA ASN B 58 -10.91 24.84 -1.23
C ASN B 58 -12.34 24.82 -1.75
N GLY B 59 -13.12 25.78 -1.30
CA GLY B 59 -14.55 25.85 -1.59
C GLY B 59 -14.87 25.95 -3.08
N VAL B 60 -14.00 26.62 -3.83
CA VAL B 60 -14.19 26.84 -5.25
C VAL B 60 -14.02 25.53 -6.03
N VAL B 61 -12.91 24.83 -5.78
CA VAL B 61 -12.71 23.54 -6.43
C VAL B 61 -13.81 22.54 -6.02
N LYS B 62 -14.10 22.49 -4.74
CA LYS B 62 -15.15 21.62 -4.26
C LYS B 62 -16.45 21.87 -5.00
N LEU B 63 -16.88 23.12 -5.03
CA LEU B 63 -18.12 23.49 -5.72
C LEU B 63 -18.12 23.05 -7.16
N MET B 64 -16.95 22.98 -7.73
CA MET B 64 -16.80 22.70 -9.13
C MET B 64 -16.52 21.23 -9.41
N SER B 65 -16.49 20.42 -8.37
CA SER B 65 -16.19 19.00 -8.56
C SER B 65 -17.17 18.07 -7.86
N LYS B 66 -18.45 18.42 -7.97
CA LYS B 66 -19.53 17.71 -7.28
C LYS B 66 -19.48 16.18 -7.39
N PRO B 67 -19.33 15.65 -8.63
CA PRO B 67 -19.33 14.19 -8.77
C PRO B 67 -18.26 13.52 -7.91
N TRP B 68 -17.20 14.24 -7.58
CA TRP B 68 -16.10 13.61 -6.88
C TRP B 68 -16.31 13.52 -5.36
N ASP B 69 -17.40 14.14 -4.87
CA ASP B 69 -17.91 13.92 -3.51
C ASP B 69 -18.19 12.44 -3.27
N ALA B 70 -18.41 11.70 -4.35
CA ALA B 70 -18.70 10.27 -4.23
C ALA B 70 -17.47 9.32 -4.22
N ILE B 71 -16.28 9.87 -4.47
CA ILE B 71 -15.03 9.09 -4.68
C ILE B 71 -14.09 9.24 -3.47
N ALA B 72 -13.90 8.14 -2.73
CA ALA B 72 -13.15 8.15 -1.50
C ALA B 72 -11.72 8.60 -1.72
N ASN B 73 -11.17 8.24 -2.88
CA ASN B 73 -9.82 8.67 -3.14
C ASN B 73 -9.61 10.18 -3.04
N VAL B 74 -10.64 10.96 -3.33
CA VAL B 74 -10.55 12.37 -3.19
C VAL B 74 -11.07 12.87 -1.90
N THR B 75 -12.15 12.29 -1.38
CA THR B 75 -12.72 12.89 -0.15
C THR B 75 -11.90 12.66 1.08
N THR B 76 -11.17 11.54 1.14
CA THR B 76 -10.42 11.17 2.34
C THR B 76 -8.97 11.65 2.34
N MET B 77 -8.57 12.32 1.28
CA MET B 77 -7.16 12.63 1.12
C MET B 77 -6.64 13.55 2.24
N ALA B 78 -5.54 13.13 2.87
CA ALA B 78 -4.77 14.03 3.73
C ALA B 78 -3.32 14.06 3.29
N MET B 79 -2.68 15.21 3.47
CA MET B 79 -1.27 15.39 3.08
C MET B 79 -0.30 15.00 4.19
N THR B 80 -0.58 15.46 5.40
CA THR B 80 0.40 15.38 6.47
C THR B 80 -0.23 15.21 7.83
N ASP B 81 0.56 14.67 8.74
CA ASP B 81 0.13 14.47 10.10
C ASP B 81 1.24 15.05 10.92
N THR B 82 1.05 16.22 11.49
CA THR B 82 2.12 16.82 12.27
C THR B 82 1.94 16.57 13.78
N THR B 83 0.96 15.76 14.18
CA THR B 83 0.78 15.47 15.57
C THR B 83 1.95 14.62 16.16
N PRO B 84 2.16 14.74 17.49
CA PRO B 84 3.22 13.94 18.13
C PRO B 84 3.02 12.47 17.90
N PHE B 85 1.77 12.03 17.76
CA PHE B 85 1.51 10.62 17.49
C PHE B 85 2.02 10.25 16.10
N GLY B 86 1.89 11.21 15.16
CA GLY B 86 2.19 10.98 13.75
C GLY B 86 3.68 11.05 13.55
N GLN B 87 4.32 11.92 14.36
CA GLN B 87 5.77 12.03 14.36
C GLN B 87 6.38 10.70 14.80
N GLN B 88 5.87 10.18 15.90
CA GLN B 88 6.39 8.97 16.48
C GLN B 88 6.24 7.80 15.52
N ARG B 89 5.09 7.75 14.85
CA ARG B 89 4.78 6.66 13.97
C ARG B 89 5.74 6.67 12.77
N VAL B 90 5.90 7.83 12.15
CA VAL B 90 6.78 7.86 10.99
C VAL B 90 8.24 7.69 11.43
N PHE B 91 8.59 8.24 12.60
CA PHE B 91 9.90 8.00 13.12
C PHE B 91 10.21 6.55 13.27
N LYS B 92 9.30 5.82 13.88
CA LYS B 92 9.48 4.40 14.09
C LYS B 92 9.49 3.52 12.78
N GLU B 93 8.60 3.79 11.82
CA GLU B 93 8.60 3.02 10.56
C GLU B 93 9.73 3.37 9.57
N LYS B 94 10.09 4.65 9.48
CA LYS B 94 11.08 5.14 8.49
C LYS B 94 12.45 5.60 9.00
N VAL B 95 12.53 6.20 10.17
CA VAL B 95 13.79 6.80 10.66
C VAL B 95 14.57 5.93 11.68
N ASP B 96 13.87 5.19 12.51
CA ASP B 96 14.56 4.40 13.54
C ASP B 96 15.00 3.04 12.98
N THR B 97 15.62 3.04 11.80
CA THR B 97 16.02 1.80 11.14
C THR B 97 17.43 1.96 10.69
N LYS B 98 18.12 0.86 10.45
CA LYS B 98 19.48 0.95 10.00
C LYS B 98 19.77 -0.05 8.87
N ALA B 99 20.20 0.48 7.72
CA ALA B 99 20.64 -0.38 6.62
C ALA B 99 22.01 -1.03 6.84
N PRO B 100 22.11 -2.31 6.55
CA PRO B 100 23.39 -2.97 6.73
C PRO B 100 24.38 -2.44 5.69
N GLU B 101 25.64 -2.37 6.05
CA GLU B 101 26.66 -1.99 5.07
C GLU B 101 26.86 -3.09 4.06
N PRO B 102 27.13 -2.71 2.82
CA PRO B 102 27.41 -3.70 1.78
C PRO B 102 28.77 -4.34 2.07
N PRO B 103 28.95 -5.58 1.65
CA PRO B 103 30.24 -6.29 1.74
C PRO B 103 31.32 -5.70 0.82
N ALA B 104 32.55 -6.11 1.08
CA ALA B 104 33.72 -5.42 0.55
C ALA B 104 33.73 -5.35 -0.96
N GLY B 105 33.25 -6.40 -1.59
CA GLY B 105 33.27 -6.46 -3.04
C GLY B 105 32.39 -5.37 -3.59
N VAL B 106 31.18 -5.33 -3.07
CA VAL B 106 30.24 -4.28 -3.40
C VAL B 106 30.86 -2.90 -3.16
N ARG B 107 31.38 -2.65 -1.95
CA ARG B 107 32.02 -1.38 -1.62
C ARG B 107 33.07 -1.02 -2.64
N GLU B 108 33.80 -2.02 -3.11
CA GLU B 108 34.89 -1.77 -4.05
C GLU B 108 34.38 -1.33 -5.41
N VAL B 109 33.26 -1.91 -5.87
CA VAL B 109 32.67 -1.56 -7.15
C VAL B 109 32.01 -0.17 -7.12
N LEU B 110 31.45 0.19 -5.96
CA LEU B 110 30.82 1.48 -5.81
C LEU B 110 31.88 2.55 -5.79
N ASN B 111 32.96 2.27 -5.06
CA ASN B 111 34.07 3.17 -4.98
C ASN B 111 34.47 3.64 -6.39
N GLU B 112 34.81 2.67 -7.24
CA GLU B 112 35.27 2.94 -8.59
C GLU B 112 34.19 3.69 -9.36
N THR B 113 32.95 3.27 -9.14
CA THR B 113 31.83 3.77 -9.91
C THR B 113 31.54 5.22 -9.60
N THR B 114 31.64 5.57 -8.35
CA THR B 114 31.45 6.95 -7.94
C THR B 114 32.68 7.82 -8.32
N ASN B 115 33.89 7.24 -8.30
CA ASN B 115 35.04 7.95 -8.90
C ASN B 115 34.73 8.32 -10.33
N TRP B 116 34.21 7.39 -11.11
CA TRP B 116 33.95 7.72 -12.50
C TRP B 116 32.86 8.80 -12.58
N LEU B 117 31.82 8.66 -11.76
CA LEU B 117 30.70 9.60 -11.79
C LEU B 117 31.06 10.99 -11.30
N TRP B 118 31.86 11.14 -10.24
CA TRP B 118 32.32 12.48 -9.81
C TRP B 118 33.18 13.13 -10.86
N ALA B 119 34.02 12.35 -11.53
CA ALA B 119 34.89 12.91 -12.56
C ALA B 119 34.06 13.39 -13.72
N HIS B 120 33.04 12.62 -14.10
CA HIS B 120 32.17 13.00 -15.19
C HIS B 120 31.45 14.32 -14.89
N LEU B 121 30.82 14.38 -13.72
CA LEU B 121 30.03 15.54 -13.32
C LEU B 121 30.87 16.83 -13.18
N SER B 122 32.15 16.67 -12.88
CA SER B 122 33.04 17.82 -12.72
C SER B 122 33.94 18.02 -13.94
N ARG B 123 33.62 17.37 -15.04
CA ARG B 123 34.41 17.55 -16.21
C ARG B 123 34.50 19.00 -16.66
N GLU B 124 33.39 19.75 -16.65
CA GLU B 124 33.40 21.12 -17.18
C GLU B 124 32.92 22.12 -16.13
N LYS B 125 31.93 21.76 -15.32
CA LYS B 125 31.48 22.59 -14.19
C LYS B 125 32.50 22.64 -13.06
N ARG B 126 32.62 23.82 -12.42
CA ARG B 126 33.56 24.08 -11.32
C ARG B 126 32.77 24.46 -10.08
N PRO B 127 33.00 23.75 -8.95
CA PRO B 127 32.38 24.13 -7.71
C PRO B 127 32.71 25.55 -7.33
N ARG B 128 31.75 26.25 -6.69
CA ARG B 128 31.88 27.63 -6.20
C ARG B 128 30.93 27.86 -5.02
N LEU B 129 31.32 28.73 -4.10
CA LEU B 129 30.50 28.99 -2.90
C LEU B 129 29.19 29.63 -3.30
N CYS B 130 28.12 29.30 -2.60
CA CYS B 130 26.90 30.05 -2.82
C CYS B 130 26.86 31.15 -1.80
N THR B 131 26.06 32.18 -2.04
CA THR B 131 26.15 33.40 -1.26
C THR B 131 24.86 33.87 -0.61
N LYS B 132 25.05 34.81 0.30
CA LYS B 132 23.99 35.38 1.08
C LYS B 132 22.92 36.00 0.21
N GLU B 133 23.38 36.70 -0.81
CA GLU B 133 22.52 37.45 -1.69
C GLU B 133 21.80 36.47 -2.58
N GLU B 134 22.49 35.37 -2.94
CA GLU B 134 21.85 34.21 -3.58
C GLU B 134 20.73 33.58 -2.71
N PHE B 135 21.08 33.21 -1.47
CA PHE B 135 20.11 32.69 -0.53
C PHE B 135 18.94 33.67 -0.43
N ILE B 136 19.23 34.96 -0.25
CA ILE B 136 18.16 35.93 -0.07
C ILE B 136 17.24 35.93 -1.27
N LYS B 137 17.84 35.86 -2.45
CA LYS B 137 17.04 35.85 -3.69
C LYS B 137 16.13 34.62 -3.77
N LYS B 138 16.65 33.46 -3.37
CA LYS B 138 15.82 32.21 -3.26
C LYS B 138 14.66 32.31 -2.30
N VAL B 139 14.93 32.67 -1.03
CA VAL B 139 13.86 32.88 -0.05
C VAL B 139 12.73 33.78 -0.52
N ASN B 140 13.09 34.82 -1.28
CA ASN B 140 12.09 35.78 -1.75
C ASN B 140 11.18 35.35 -2.90
N SER B 141 11.19 34.07 -3.24
CA SER B 141 10.36 33.69 -4.37
C SER B 141 9.58 32.45 -4.12
N ASN B 142 9.21 31.77 -5.21
CA ASN B 142 8.64 30.39 -5.17
C ASN B 142 9.75 29.50 -4.57
N ALA B 143 9.86 29.63 -3.22
CA ALA B 143 11.05 29.56 -2.32
C ALA B 143 12.18 28.51 -2.33
N ALA B 144 12.59 28.18 -1.09
CA ALA B 144 13.62 27.20 -0.75
C ALA B 144 12.94 25.84 -0.74
N LEU B 145 12.17 25.58 -1.82
CA LEU B 145 11.33 24.39 -2.00
C LEU B 145 11.81 23.16 -1.21
N GLY B 146 10.86 22.63 -0.37
CA GLY B 146 10.99 21.29 0.26
C GLY B 146 12.13 21.13 1.26
N ALA B 147 13.28 21.82 1.03
CA ALA B 147 14.28 21.99 2.10
C ALA B 147 13.53 22.85 3.11
N VAL B 148 12.70 22.17 3.91
CA VAL B 148 11.70 22.85 4.65
C VAL B 148 12.39 23.66 5.79
N PHE B 149 11.99 24.93 5.80
CA PHE B 149 12.73 26.02 6.40
C PHE B 149 12.36 26.24 7.87
N ALA B 150 11.07 26.52 8.07
CA ALA B 150 10.55 27.21 9.25
C ALA B 150 11.12 26.90 10.66
N GLU B 151 12.38 27.25 10.87
CA GLU B 151 12.74 27.73 12.17
C GLU B 151 13.51 29.03 11.85
N GLN B 152 12.74 30.13 11.91
CA GLN B 152 13.24 31.49 12.11
C GLN B 152 12.90 31.90 13.59
N ASN B 153 11.64 31.67 13.99
CA ASN B 153 11.10 31.79 15.37
C ASN B 153 11.65 32.91 16.29
N GLN B 154 11.22 34.12 15.97
CA GLN B 154 11.68 35.40 16.51
C GLN B 154 11.59 36.34 15.28
N TRP B 155 11.11 35.76 14.18
CA TRP B 155 10.84 36.48 12.93
C TRP B 155 9.48 36.11 12.29
N SER B 156 9.21 34.81 12.08
CA SER B 156 7.87 34.33 11.57
C SER B 156 7.83 34.04 10.07
N THR B 157 8.34 34.99 9.26
CA THR B 157 8.58 34.76 7.83
C THR B 157 10.08 34.62 7.66
N ALA B 158 10.47 33.84 6.66
CA ALA B 158 11.87 33.73 6.25
C ALA B 158 12.34 35.08 5.63
N ARG B 159 11.49 35.69 4.80
CA ARG B 159 11.74 37.03 4.22
C ARG B 159 12.22 38.05 5.28
N GLU B 160 11.58 38.03 6.43
CA GLU B 160 11.93 39.02 7.42
C GLU B 160 13.29 38.75 8.04
N ALA B 161 13.53 37.49 8.41
CA ALA B 161 14.81 37.10 9.02
C ALA B 161 16.03 37.48 8.16
N VAL B 162 16.00 37.11 6.88
CA VAL B 162 17.10 37.41 6.00
C VAL B 162 17.27 38.91 5.75
N ASN B 163 16.22 39.68 6.05
CA ASN B 163 16.29 41.15 5.91
C ASN B 163 16.92 41.82 7.13
N ASP B 164 17.00 41.07 8.23
CA ASP B 164 17.46 41.57 9.52
C ASP B 164 18.89 41.16 9.82
N PRO B 165 19.79 42.16 9.89
CA PRO B 165 21.21 42.08 10.22
C PRO B 165 21.53 41.16 11.38
N ARG B 166 20.60 41.05 12.32
CA ARG B 166 20.78 40.18 13.47
C ARG B 166 20.85 38.68 13.07
N PHE B 167 20.05 38.28 12.07
CA PHE B 167 20.07 36.92 11.53
C PHE B 167 21.45 36.55 10.99
N TRP B 168 22.10 37.50 10.36
CA TRP B 168 23.35 37.19 9.70
C TRP B 168 24.51 37.15 10.67
N GLU B 169 24.36 37.81 11.82
CA GLU B 169 25.36 37.72 12.86
C GLU B 169 25.37 36.34 13.49
N MET B 170 24.17 35.77 13.68
CA MET B 170 24.03 34.41 14.21
C MET B 170 24.63 33.43 13.19
N VAL B 171 24.16 33.53 11.96
CA VAL B 171 24.76 32.80 10.84
C VAL B 171 26.30 32.87 10.88
N ASP B 172 26.81 34.10 10.99
CA ASP B 172 28.24 34.33 10.95
C ASP B 172 28.91 33.67 12.14
N GLU B 173 28.33 33.83 13.30
CA GLU B 173 28.88 33.21 14.48
C GLU B 173 28.94 31.68 14.36
N GLU B 174 27.89 31.07 13.81
CA GLU B 174 27.90 29.64 13.62
C GLU B 174 28.88 29.23 12.49
N ARG B 175 28.97 30.05 11.45
CA ARG B 175 29.99 29.86 10.44
C ARG B 175 31.37 29.77 11.05
N GLU B 176 31.66 30.61 12.05
CA GLU B 176 32.99 30.57 12.67
C GLU B 176 33.20 29.23 13.40
N ASN B 177 32.14 28.74 14.02
CA ASN B 177 32.22 27.45 14.70
C ASN B 177 32.53 26.32 13.73
N HIS B 178 31.95 26.40 12.54
CA HIS B 178 32.23 25.45 11.49
C HIS B 178 33.68 25.51 11.04
N LEU B 179 34.15 26.72 10.74
CA LEU B 179 35.56 26.93 10.38
C LEU B 179 36.49 26.45 11.49
N ARG B 180 35.95 26.36 12.73
CA ARG B 180 36.72 25.76 13.84
C ARG B 180 36.51 24.24 14.05
N GLY B 181 35.67 23.61 13.20
CA GLY B 181 35.41 22.18 13.32
C GLY B 181 34.38 21.88 14.41
N GLU B 182 33.42 22.80 14.62
CA GLU B 182 32.36 22.61 15.59
C GLU B 182 31.03 23.11 15.08
N CYS B 183 29.97 22.46 15.56
CA CYS B 183 28.61 22.81 15.21
C CYS B 183 27.88 22.97 16.52
N HIS B 184 27.16 24.08 16.65
CA HIS B 184 26.49 24.48 17.89
C HIS B 184 24.94 24.57 17.73
N THR B 185 24.49 25.00 16.57
CA THR B 185 23.10 25.30 16.43
C THR B 185 22.40 24.40 15.42
N CYS B 186 23.15 23.59 14.68
CA CYS B 186 22.60 22.94 13.50
C CYS B 186 21.86 21.61 13.82
N ILE B 187 20.56 21.74 14.08
CA ILE B 187 19.80 20.63 14.62
C ILE B 187 18.56 20.28 13.78
N TYR B 188 18.24 19.00 13.66
CA TYR B 188 17.11 18.56 12.87
C TYR B 188 15.86 18.52 13.73
N ASN B 189 14.79 19.08 13.20
CA ASN B 189 13.49 18.89 13.78
C ASN B 189 12.63 17.99 12.90
N MET B 190 12.22 16.84 13.41
CA MET B 190 11.33 15.96 12.67
C MET B 190 9.95 16.38 12.99
N MET B 191 9.42 17.28 12.17
CA MET B 191 8.17 17.94 12.50
C MET B 191 6.92 17.14 12.14
N GLY B 192 7.05 16.07 11.35
CA GLY B 192 5.88 15.26 11.11
C GLY B 192 5.92 14.30 9.94
N LYS B 193 4.72 13.88 9.53
CA LYS B 193 4.62 12.80 8.58
C LYS B 193 3.91 13.22 7.31
N ARG B 194 4.53 12.97 6.17
CA ARG B 194 3.84 13.11 4.89
C ARG B 194 3.20 11.75 4.61
N GLU B 195 1.88 11.76 4.48
CA GLU B 195 1.10 10.52 4.19
C GLU B 195 1.46 9.80 2.89
N LYS B 196 1.21 8.50 2.87
CA LYS B 196 1.33 7.67 1.67
C LYS B 196 0.63 8.33 0.52
N LYS B 197 1.23 8.20 -0.64
CA LYS B 197 0.66 8.72 -1.87
C LYS B 197 0.18 7.55 -2.77
N PRO B 198 -0.81 7.83 -3.65
CA PRO B 198 -1.36 6.84 -4.57
C PRO B 198 -0.39 6.37 -5.63
N GLY B 199 -0.49 5.09 -5.93
CA GLY B 199 0.24 4.53 -7.07
C GLY B 199 -0.11 3.08 -7.29
N GLU B 200 0.13 2.60 -8.50
CA GLU B 200 0.05 1.15 -8.77
C GLU B 200 1.10 0.35 -7.97
N PHE B 201 1.01 -0.98 -8.01
CA PHE B 201 1.98 -1.81 -7.27
C PHE B 201 3.38 -1.51 -7.79
N GLY B 202 4.29 -1.16 -6.89
CA GLY B 202 5.67 -0.84 -7.26
C GLY B 202 6.04 0.62 -7.46
N LYS B 203 5.04 1.50 -7.57
CA LYS B 203 5.27 2.96 -7.76
C LYS B 203 4.85 3.87 -6.60
N ALA B 204 3.88 3.41 -5.80
CA ALA B 204 3.28 4.20 -4.70
C ALA B 204 4.30 4.63 -3.63
N LYS B 205 4.33 5.92 -3.32
CA LYS B 205 5.27 6.40 -2.31
C LYS B 205 4.69 6.15 -0.95
N GLY B 206 5.51 5.63 -0.05
CA GLY B 206 5.08 5.46 1.31
C GLY B 206 5.25 6.78 2.05
N SER B 207 4.79 6.81 3.29
CA SER B 207 4.99 7.96 4.14
C SER B 207 6.46 8.31 4.35
N ARG B 208 6.73 9.58 4.58
CA ARG B 208 8.08 10.12 4.66
C ARG B 208 8.15 11.12 5.81
N ALA B 209 9.34 11.31 6.37
CA ALA B 209 9.50 12.25 7.46
C ALA B 209 9.60 13.66 6.92
N ILE B 210 9.04 14.62 7.63
CA ILE B 210 9.23 15.98 7.24
C ILE B 210 10.26 16.55 8.19
N TRP B 211 11.30 17.13 7.60
CA TRP B 211 12.38 17.65 8.36
C TRP B 211 12.43 19.19 8.27
N PHE B 212 12.78 19.84 9.37
CA PHE B 212 12.97 21.27 9.41
C PHE B 212 14.29 21.54 10.08
N MET B 213 15.01 22.57 9.63
CA MET B 213 16.15 23.09 10.40
C MET B 213 15.95 24.60 10.59
N TRP B 214 16.71 25.20 11.50
CA TRP B 214 16.82 26.63 11.61
C TRP B 214 17.29 27.21 10.27
N LEU B 215 16.68 28.31 9.85
CA LEU B 215 17.03 28.96 8.56
C LEU B 215 18.55 29.19 8.38
N GLY B 216 19.24 29.45 9.50
CA GLY B 216 20.67 29.69 9.46
C GLY B 216 21.46 28.42 9.16
N ALA B 217 20.91 27.27 9.57
CA ALA B 217 21.55 26.00 9.28
C ALA B 217 21.44 25.74 7.77
N ARG B 218 20.29 26.12 7.20
CA ARG B 218 20.04 25.96 5.78
C ARG B 218 20.98 26.84 4.98
N TYR B 219 21.15 28.10 5.40
CA TYR B 219 22.05 29.01 4.71
C TYR B 219 23.43 28.35 4.60
N LEU B 220 23.92 27.87 5.75
CA LEU B 220 25.29 27.35 5.80
C LEU B 220 25.52 26.18 4.85
N GLU B 221 24.61 25.20 4.85
CA GLU B 221 24.76 24.05 3.93
C GLU B 221 24.61 24.49 2.51
N PHE B 222 23.79 25.52 2.30
CA PHE B 222 23.55 26.07 0.98
C PHE B 222 24.78 26.80 0.50
N GLU B 223 25.50 27.40 1.42
CA GLU B 223 26.72 28.10 1.08
C GLU B 223 27.72 27.04 0.60
N ALA B 224 27.83 25.95 1.38
CA ALA B 224 28.92 25.00 1.17
C ALA B 224 28.65 24.05 -0.01
N LEU B 225 27.38 23.78 -0.29
CA LEU B 225 27.05 22.69 -1.23
C LEU B 225 25.94 23.02 -2.17
N GLY B 226 25.37 24.20 -2.05
CA GLY B 226 24.25 24.49 -2.92
C GLY B 226 24.63 24.63 -4.39
N PHE B 227 25.92 24.73 -4.68
CA PHE B 227 26.38 24.79 -6.07
C PHE B 227 25.84 23.59 -6.88
N LEU B 228 25.58 22.45 -6.19
CA LEU B 228 25.13 21.24 -6.88
C LEU B 228 23.80 21.48 -7.51
N ASN B 229 22.97 22.26 -6.81
CA ASN B 229 21.65 22.65 -7.31
C ASN B 229 21.69 23.90 -8.18
N GLU B 230 22.37 24.93 -7.67
CA GLU B 230 22.36 26.22 -8.33
C GLU B 230 23.03 26.19 -9.71
N ASP B 231 24.08 25.40 -9.86
CA ASP B 231 24.80 25.26 -11.12
C ASP B 231 24.44 23.98 -11.86
N HIS B 232 23.34 23.39 -11.43
CA HIS B 232 22.70 22.32 -12.20
C HIS B 232 23.64 21.16 -12.48
N TRP B 233 24.33 20.66 -11.47
CA TRP B 233 25.17 19.48 -11.69
C TRP B 233 24.44 18.23 -12.16
N LEU B 234 23.11 18.19 -11.98
CA LEU B 234 22.29 17.01 -12.34
C LEU B 234 21.36 17.25 -13.45
N SER B 235 21.62 18.30 -14.20
CA SER B 235 20.94 18.49 -15.51
C SER B 235 21.30 17.30 -16.39
N ARG B 236 20.42 17.03 -17.37
CA ARG B 236 20.67 15.97 -18.32
C ARG B 236 21.92 16.29 -19.06
N GLU B 237 22.10 17.56 -19.41
CA GLU B 237 23.32 17.99 -20.07
C GLU B 237 24.59 17.62 -19.31
N ASN B 238 24.65 17.90 -18.02
CA ASN B 238 25.89 17.59 -17.28
C ASN B 238 26.01 16.11 -16.90
N SER B 239 24.89 15.48 -16.56
CA SER B 239 24.96 14.16 -15.92
C SER B 239 24.59 12.98 -16.83
N GLY B 240 23.95 13.31 -17.95
CA GLY B 240 23.61 12.34 -18.94
C GLY B 240 22.36 11.58 -18.55
N GLY B 241 22.35 11.00 -17.35
CA GLY B 241 21.13 10.34 -16.84
C GLY B 241 20.13 11.18 -16.06
N GLY B 242 20.55 12.27 -15.42
CA GLY B 242 19.63 13.08 -14.66
C GLY B 242 18.71 13.90 -15.51
N VAL B 243 17.77 14.58 -14.87
CA VAL B 243 16.86 15.48 -15.57
C VAL B 243 16.58 16.76 -14.78
N GLU B 244 17.46 17.11 -13.83
CA GLU B 244 17.22 18.33 -13.04
C GLU B 244 17.14 19.53 -14.00
N GLY B 245 16.09 20.33 -13.86
CA GLY B 245 15.94 21.52 -14.68
C GLY B 245 14.75 21.43 -15.61
N SER B 246 14.33 20.23 -15.93
CA SER B 246 13.24 19.99 -16.85
C SER B 246 11.87 20.04 -16.18
N GLY B 247 10.90 20.56 -16.91
CA GLY B 247 9.50 20.50 -16.54
C GLY B 247 9.03 19.10 -16.83
N VAL B 248 8.02 18.69 -16.09
CA VAL B 248 7.39 17.39 -16.30
C VAL B 248 7.04 17.22 -17.79
N GLN B 249 6.77 18.33 -18.47
CA GLN B 249 6.36 18.28 -19.86
C GLN B 249 7.51 17.90 -20.80
N LYS B 250 8.76 18.01 -20.34
CA LYS B 250 9.91 17.51 -21.13
C LYS B 250 10.17 15.98 -20.91
N LEU B 251 9.52 15.36 -19.93
CA LEU B 251 9.93 14.02 -19.45
C LEU B 251 9.49 12.84 -20.32
N GLY B 252 8.29 12.96 -20.89
CA GLY B 252 7.80 11.98 -21.87
C GLY B 252 8.75 11.89 -23.02
N TYR B 253 9.12 13.06 -23.54
CA TYR B 253 9.99 13.16 -24.68
C TYR B 253 11.35 12.57 -24.39
N ILE B 254 11.78 12.74 -23.16
CA ILE B 254 13.07 12.19 -22.78
C ILE B 254 12.97 10.68 -22.75
N LEU B 255 11.83 10.17 -22.30
CA LEU B 255 11.72 8.75 -22.11
C LEU B 255 11.63 8.15 -23.47
N ARG B 256 11.01 8.87 -24.39
CA ARG B 256 10.80 8.36 -25.71
C ARG B 256 12.09 8.36 -26.49
N ASP B 257 12.95 9.35 -26.27
CA ASP B 257 14.35 9.30 -26.73
C ASP B 257 15.08 8.05 -26.21
N ILE B 258 15.01 7.79 -24.91
CA ILE B 258 15.58 6.55 -24.39
C ILE B 258 15.05 5.33 -25.12
N ALA B 259 13.74 5.23 -25.28
CA ALA B 259 13.10 4.11 -26.01
C ALA B 259 13.64 3.96 -27.41
N GLY B 260 14.08 5.08 -27.98
CA GLY B 260 14.55 5.10 -29.36
C GLY B 260 15.88 4.36 -29.53
N LYS B 261 16.57 4.06 -28.45
CA LYS B 261 17.87 3.43 -28.55
C LYS B 261 17.67 1.93 -28.73
N GLN B 262 18.72 1.25 -29.16
CA GLN B 262 18.73 -0.18 -29.24
C GLN B 262 18.89 -0.78 -27.82
N GLY B 263 17.97 -1.65 -27.43
CA GLY B 263 18.15 -2.41 -26.21
C GLY B 263 17.01 -3.32 -25.82
N GLY B 264 16.99 -3.76 -24.56
CA GLY B 264 15.92 -4.62 -24.06
C GLY B 264 14.70 -3.79 -23.72
N LYS B 265 13.92 -4.30 -22.80
CA LYS B 265 12.76 -3.57 -22.34
C LYS B 265 13.21 -2.37 -21.48
N MET B 266 12.27 -1.50 -21.17
CA MET B 266 12.47 -0.43 -20.22
C MET B 266 12.08 -0.80 -18.78
N TYR B 267 12.97 -0.47 -17.85
CA TYR B 267 12.75 -0.78 -16.41
C TYR B 267 12.54 0.47 -15.62
N ALA B 268 11.68 0.39 -14.61
CA ALA B 268 11.51 1.52 -13.68
C ALA B 268 11.24 1.03 -12.28
N ASP B 269 12.18 0.30 -11.71
CA ASP B 269 12.01 -0.23 -10.35
C ASP B 269 12.19 0.87 -9.33
N ASP B 270 11.17 1.11 -8.53
CA ASP B 270 11.33 1.90 -7.29
C ASP B 270 12.05 1.09 -6.20
N THR B 271 12.91 1.75 -5.43
CA THR B 271 13.48 1.19 -4.20
C THR B 271 12.47 1.34 -3.07
N ALA B 272 12.47 0.37 -2.14
CA ALA B 272 11.48 0.43 -1.07
C ALA B 272 11.99 1.40 -0.02
N GLY B 273 11.46 2.62 -0.05
CA GLY B 273 11.93 3.66 0.85
C GLY B 273 13.42 3.99 0.71
N TRP B 274 13.77 4.64 -0.40
CA TRP B 274 15.13 5.01 -0.73
C TRP B 274 15.91 5.64 0.45
N ASP B 275 15.33 6.64 1.07
CA ASP B 275 16.02 7.37 2.13
C ASP B 275 16.45 6.49 3.32
N THR B 276 15.71 5.42 3.60
CA THR B 276 16.04 4.54 4.71
C THR B 276 17.10 3.54 4.29
N ARG B 277 17.49 3.55 3.02
CA ARG B 277 18.42 2.56 2.50
C ARG B 277 19.73 3.09 1.97
N ILE B 278 19.96 4.38 2.20
CA ILE B 278 21.28 4.95 1.98
C ILE B 278 22.21 4.42 3.06
N THR B 279 23.29 3.76 2.66
CA THR B 279 24.28 3.27 3.63
C THR B 279 25.39 4.26 3.95
N ARG B 280 26.17 3.94 4.98
CA ARG B 280 27.34 4.71 5.29
C ARG B 280 28.29 4.70 4.07
N THR B 281 28.42 3.55 3.41
CA THR B 281 29.17 3.50 2.17
C THR B 281 28.70 4.53 1.15
N ASP B 282 27.39 4.70 0.99
CA ASP B 282 26.88 5.68 0.02
C ASP B 282 27.27 7.11 0.44
N LEU B 283 27.30 7.38 1.74
CA LEU B 283 27.64 8.74 2.18
C LEU B 283 29.10 8.99 1.92
N GLU B 284 29.93 8.00 2.22
CA GLU B 284 31.35 8.13 1.90
C GLU B 284 31.60 8.45 0.43
N ASN B 285 30.92 7.75 -0.47
CA ASN B 285 31.14 7.99 -1.89
C ASN B 285 30.61 9.38 -2.28
N GLU B 286 29.46 9.76 -1.70
CA GLU B 286 28.92 11.14 -1.79
C GLU B 286 29.89 12.19 -1.25
N ALA B 287 30.57 11.87 -0.14
CA ALA B 287 31.48 12.85 0.50
C ALA B 287 32.71 13.11 -0.35
N LYS B 288 32.86 12.37 -1.43
CA LYS B 288 33.98 12.62 -2.28
C LYS B 288 33.90 14.03 -2.90
N VAL B 289 32.76 14.72 -2.70
CA VAL B 289 32.61 16.11 -3.11
C VAL B 289 33.74 16.95 -2.59
N LEU B 290 34.15 16.63 -1.37
CA LEU B 290 35.16 17.40 -0.68
C LEU B 290 36.39 17.60 -1.56
N GLU B 291 36.70 16.58 -2.34
CA GLU B 291 37.95 16.52 -3.05
C GLU B 291 37.90 17.37 -4.28
N LEU B 292 36.74 17.95 -4.58
CA LEU B 292 36.65 18.94 -5.67
C LEU B 292 36.80 20.35 -5.13
N LEU B 293 36.99 20.47 -3.83
CA LEU B 293 36.93 21.78 -3.21
C LEU B 293 38.27 22.16 -2.64
N ASP B 294 38.55 23.46 -2.55
CA ASP B 294 39.78 23.96 -1.95
C ASP B 294 39.55 25.05 -0.93
N GLY B 295 40.62 25.39 -0.18
CA GLY B 295 40.63 26.54 0.73
C GLY B 295 39.52 26.53 1.77
N GLU B 296 38.83 27.66 1.89
CA GLU B 296 37.79 27.83 2.87
C GLU B 296 36.52 27.07 2.47
N HIS B 297 36.25 27.05 1.15
CA HIS B 297 35.13 26.27 0.58
C HIS B 297 35.06 24.81 1.07
N ARG B 298 36.19 24.11 0.98
CA ARG B 298 36.31 22.73 1.48
C ARG B 298 36.17 22.70 3.00
N MET B 299 36.68 23.71 3.67
CA MET B 299 36.51 23.80 5.13
C MET B 299 35.02 23.84 5.54
N LEU B 300 34.22 24.62 4.83
CA LEU B 300 32.82 24.82 5.17
C LEU B 300 32.05 23.58 4.81
N ALA B 301 32.32 23.05 3.61
CA ALA B 301 31.79 21.77 3.17
C ALA B 301 32.17 20.60 4.06
N ARG B 302 33.43 20.48 4.46
CA ARG B 302 33.78 19.45 5.44
C ARG B 302 32.87 19.55 6.66
N ALA B 303 32.67 20.75 7.20
CA ALA B 303 31.88 20.89 8.41
C ALA B 303 30.44 20.38 8.18
N ILE B 304 29.77 20.91 7.16
CA ILE B 304 28.42 20.48 6.83
C ILE B 304 28.34 18.95 6.83
N ILE B 305 29.14 18.33 5.98
CA ILE B 305 29.08 16.88 5.79
C ILE B 305 29.42 16.17 7.07
N GLU B 306 30.54 16.59 7.64
CA GLU B 306 31.06 15.96 8.84
C GLU B 306 30.14 16.16 10.02
N LEU B 307 29.70 17.40 10.21
CA LEU B 307 29.04 17.75 11.45
C LEU B 307 27.53 17.63 11.44
N THR B 308 26.92 17.82 10.27
CA THR B 308 25.46 17.90 10.21
C THR B 308 24.88 16.74 9.41
N TYR B 309 25.60 16.26 8.42
CA TYR B 309 25.11 15.15 7.57
C TYR B 309 25.53 13.78 8.12
N ARG B 310 26.38 13.78 9.14
CA ARG B 310 26.94 12.54 9.70
C ARG B 310 26.58 12.37 11.20
N HIS B 311 27.26 13.09 12.07
CA HIS B 311 26.91 13.15 13.51
C HIS B 311 25.70 14.04 13.83
N LYS B 312 24.49 13.52 13.61
CA LYS B 312 23.25 14.32 13.69
C LYS B 312 22.67 14.49 15.05
N VAL B 313 22.07 15.65 15.29
CA VAL B 313 21.17 15.77 16.43
C VAL B 313 19.70 16.01 16.02
N VAL B 314 18.77 15.30 16.64
CA VAL B 314 17.41 15.38 16.20
C VAL B 314 16.44 15.60 17.31
N LYS B 315 15.55 16.59 17.17
CA LYS B 315 14.38 16.74 18.04
C LYS B 315 13.16 16.07 17.40
N VAL B 316 12.39 15.31 18.16
CA VAL B 316 11.09 14.84 17.74
C VAL B 316 10.10 14.74 18.92
N MET B 317 8.82 14.94 18.65
CA MET B 317 7.80 14.90 19.69
C MET B 317 7.28 13.55 20.01
N ARG B 318 6.85 13.41 21.25
CA ARG B 318 6.12 12.23 21.63
C ARG B 318 5.07 12.47 22.73
N PRO B 319 3.96 11.72 22.65
CA PRO B 319 2.82 11.78 23.57
C PRO B 319 3.20 11.38 25.01
N ALA B 320 2.86 12.22 25.97
CA ALA B 320 3.07 11.89 27.38
C ALA B 320 1.74 11.65 28.05
N ALA B 321 1.79 11.18 29.30
CA ALA B 321 0.59 11.02 30.14
C ALA B 321 -0.21 12.33 30.23
N GLU B 322 -1.46 12.23 30.66
CA GLU B 322 -2.25 13.40 31.01
C GLU B 322 -2.36 14.41 29.85
N GLY B 323 -2.37 13.92 28.61
CA GLY B 323 -2.41 14.77 27.40
C GLY B 323 -1.35 15.84 27.37
N LYS B 324 -0.19 15.57 27.98
CA LYS B 324 0.93 16.51 27.86
C LYS B 324 1.87 15.98 26.76
N THR B 325 2.76 16.83 26.28
CA THR B 325 3.61 16.45 25.18
C THR B 325 5.06 16.72 25.48
N VAL B 326 5.95 15.85 25.02
CA VAL B 326 7.36 16.01 25.29
C VAL B 326 8.19 16.03 24.02
N MET B 327 9.30 16.74 24.02
CA MET B 327 10.25 16.74 22.90
C MET B 327 11.48 15.93 23.25
N ASP B 328 11.81 14.94 22.43
CA ASP B 328 12.95 14.05 22.68
C ASP B 328 14.17 14.55 21.96
N VAL B 329 15.35 14.32 22.54
CA VAL B 329 16.57 14.76 21.90
C VAL B 329 17.43 13.55 21.69
N ILE B 330 17.71 13.29 20.41
CA ILE B 330 18.41 12.10 20.02
C ILE B 330 19.55 12.37 19.03
N SER B 331 20.45 11.41 18.87
CA SER B 331 21.58 11.57 17.99
C SER B 331 21.93 10.25 17.35
N ARG B 332 22.70 10.32 16.26
CA ARG B 332 23.24 9.13 15.65
C ARG B 332 24.31 9.52 14.66
N GLU B 333 25.27 8.63 14.47
CA GLU B 333 26.16 8.67 13.31
C GLU B 333 25.48 8.01 12.06
N ASP B 334 24.68 8.76 11.28
CA ASP B 334 23.91 8.14 10.16
C ASP B 334 24.15 8.80 8.80
N GLN B 335 23.02 9.25 8.18
CA GLN B 335 22.95 9.76 6.78
C GLN B 335 21.56 10.21 6.25
N ARG B 336 21.44 11.49 5.92
CA ARG B 336 20.33 11.94 5.08
C ARG B 336 18.90 11.82 5.68
N GLY B 337 18.18 10.76 5.25
CA GLY B 337 16.70 10.72 5.37
C GLY B 337 16.08 11.94 4.63
N SER B 338 16.93 12.81 4.10
CA SER B 338 16.48 14.07 3.50
C SER B 338 16.33 15.10 4.52
N GLY B 339 15.65 16.19 4.15
CA GLY B 339 15.64 17.41 4.94
C GLY B 339 16.92 18.18 4.73
N GLN B 340 17.71 17.83 3.71
CA GLN B 340 18.94 18.55 3.42
C GLN B 340 18.82 19.33 2.13
N VAL B 341 19.54 20.45 2.05
CA VAL B 341 19.45 21.25 0.84
C VAL B 341 19.86 20.37 -0.40
N VAL B 342 20.81 19.47 -0.19
CA VAL B 342 21.31 18.64 -1.29
C VAL B 342 20.80 17.21 -1.37
N THR B 343 19.68 16.94 -0.66
CA THR B 343 19.07 15.62 -0.65
C THR B 343 18.73 15.09 -2.07
N TYR B 344 18.02 15.90 -2.87
CA TYR B 344 17.65 15.50 -4.25
C TYR B 344 18.88 15.28 -5.13
N ALA B 345 19.87 16.18 -5.03
CA ALA B 345 21.06 16.06 -5.87
C ALA B 345 21.89 14.82 -5.52
N LEU B 346 22.11 14.60 -4.24
CA LEU B 346 22.85 13.41 -3.85
C LEU B 346 22.06 12.09 -4.08
N ASN B 347 20.75 12.09 -3.90
CA ASN B 347 19.98 10.92 -4.22
C ASN B 347 20.16 10.63 -5.72
N THR B 348 20.09 11.66 -6.53
CA THR B 348 20.21 11.46 -7.94
C THR B 348 21.56 10.83 -8.27
N PHE B 349 22.59 11.35 -7.62
CA PHE B 349 23.94 10.87 -7.85
C PHE B 349 24.03 9.39 -7.46
N THR B 350 23.66 9.09 -6.23
CA THR B 350 23.76 7.74 -5.76
C THR B 350 22.93 6.80 -6.61
N ASN B 351 21.74 7.22 -7.03
CA ASN B 351 20.87 6.35 -7.85
C ASN B 351 21.50 6.09 -9.22
N ILE B 352 22.16 7.10 -9.78
CA ILE B 352 22.95 6.89 -10.99
C ILE B 352 24.00 5.79 -10.80
N ALA B 353 24.87 5.95 -9.79
CA ALA B 353 25.91 4.97 -9.50
C ALA B 353 25.26 3.58 -9.37
N VAL B 354 24.22 3.49 -8.53
CA VAL B 354 23.48 2.27 -8.31
C VAL B 354 23.09 1.64 -9.63
N GLN B 355 22.55 2.43 -10.54
CA GLN B 355 22.07 1.90 -11.80
C GLN B 355 23.23 1.47 -12.70
N LEU B 356 24.40 2.08 -12.52
CA LEU B 356 25.58 1.66 -13.35
C LEU B 356 26.06 0.33 -12.87
N VAL B 357 26.09 0.16 -11.56
CA VAL B 357 26.40 -1.16 -11.03
C VAL B 357 25.50 -2.27 -11.56
N ARG B 358 24.20 -2.05 -11.47
CA ARG B 358 23.27 -3.04 -11.97
C ARG B 358 23.54 -3.35 -13.44
N LEU B 359 23.86 -2.34 -14.23
CA LEU B 359 24.14 -2.60 -15.65
C LEU B 359 25.36 -3.52 -15.78
N MET B 360 26.35 -3.27 -14.95
CA MET B 360 27.56 -4.08 -15.00
C MET B 360 27.33 -5.54 -14.63
N GLU B 361 26.50 -5.77 -13.64
CA GLU B 361 26.06 -7.12 -13.33
C GLU B 361 25.25 -7.62 -14.51
N ALA B 362 24.44 -6.77 -15.13
CA ALA B 362 23.60 -7.26 -16.24
C ALA B 362 24.44 -7.53 -17.49
N GLU B 363 25.65 -6.97 -17.56
CA GLU B 363 26.48 -7.24 -18.75
C GLU B 363 27.59 -8.25 -18.51
N GLY B 364 27.64 -8.79 -17.30
CA GLY B 364 28.53 -9.90 -16.96
C GLY B 364 29.89 -9.47 -16.45
N VAL B 365 30.04 -8.18 -16.20
CA VAL B 365 31.32 -7.64 -15.72
C VAL B 365 31.60 -8.07 -14.29
N ILE B 366 30.56 -8.13 -13.47
CA ILE B 366 30.62 -8.63 -12.09
C ILE B 366 29.50 -9.63 -11.80
N GLY B 367 29.69 -10.52 -10.83
CA GLY B 367 28.65 -11.51 -10.52
C GLY B 367 28.49 -11.75 -9.04
N PRO B 368 27.58 -12.66 -8.64
CA PRO B 368 27.33 -12.96 -7.20
C PRO B 368 28.58 -13.44 -6.51
N GLN B 369 29.54 -13.91 -7.29
CA GLN B 369 30.76 -14.48 -6.74
C GLN B 369 31.71 -13.39 -6.31
N HIS B 370 31.37 -12.13 -6.65
CA HIS B 370 32.22 -10.96 -6.37
C HIS B 370 31.71 -10.06 -5.24
N LEU B 371 30.62 -10.46 -4.60
CA LEU B 371 30.04 -9.61 -3.57
C LEU B 371 30.99 -9.47 -2.39
N GLU B 372 31.55 -10.60 -1.95
CA GLU B 372 32.39 -10.56 -0.75
C GLU B 372 33.77 -10.02 -1.08
N GLN B 373 34.30 -10.40 -2.23
CA GLN B 373 35.61 -9.94 -2.61
C GLN B 373 35.65 -9.65 -4.09
N LEU B 374 36.19 -8.51 -4.47
CA LEU B 374 36.26 -8.20 -5.89
C LEU B 374 37.63 -8.55 -6.45
N PRO B 375 37.71 -9.62 -7.25
CA PRO B 375 38.94 -10.05 -7.91
C PRO B 375 39.62 -8.90 -8.65
N ARG B 376 40.93 -8.89 -8.63
CA ARG B 376 41.70 -7.87 -9.35
C ARG B 376 41.33 -7.73 -10.83
N LYS B 377 41.33 -8.85 -11.57
CA LYS B 377 40.86 -8.85 -12.95
C LYS B 377 39.52 -8.14 -13.03
N ASN B 378 38.65 -8.37 -12.07
CA ASN B 378 37.32 -7.79 -12.11
C ASN B 378 37.26 -6.29 -11.84
N LYS B 379 37.99 -5.83 -10.81
CA LYS B 379 38.22 -4.39 -10.59
C LYS B 379 38.69 -3.69 -11.89
N ILE B 380 39.57 -4.37 -12.64
CA ILE B 380 40.10 -3.82 -13.87
C ILE B 380 38.97 -3.73 -14.90
N ALA B 381 38.13 -4.75 -14.96
CA ALA B 381 37.11 -4.80 -16.03
C ALA B 381 36.02 -3.80 -15.73
N VAL B 382 35.87 -3.48 -14.44
CA VAL B 382 34.97 -2.45 -13.98
C VAL B 382 35.42 -1.05 -14.44
N ARG B 383 36.69 -0.74 -14.22
CA ARG B 383 37.18 0.61 -14.54
C ARG B 383 37.14 0.82 -16.03
N THR B 384 37.53 -0.24 -16.76
CA THR B 384 37.51 -0.24 -18.22
C THR B 384 36.10 -0.08 -18.77
N TRP B 385 35.13 -0.77 -18.19
CA TRP B 385 33.73 -0.64 -18.64
C TRP B 385 33.20 0.75 -18.39
N LEU B 386 33.47 1.29 -17.19
CA LEU B 386 33.09 2.65 -16.93
C LEU B 386 33.78 3.59 -17.94
N PHE B 387 35.06 3.37 -18.20
CA PHE B 387 35.74 4.30 -19.08
C PHE B 387 35.16 4.21 -20.48
N GLU B 388 34.94 2.99 -20.93
CA GLU B 388 34.43 2.82 -22.27
C GLU B 388 32.95 3.14 -22.39
N ASN B 389 32.13 2.80 -21.41
CA ASN B 389 30.69 2.82 -21.63
C ASN B 389 29.89 3.85 -20.87
N GLY B 390 30.41 4.29 -19.74
CA GLY B 390 29.70 5.22 -18.85
C GLY B 390 28.87 6.29 -19.58
N GLU B 391 29.53 7.06 -20.44
CA GLU B 391 28.89 8.21 -21.10
C GLU B 391 27.65 7.77 -21.88
N GLU B 392 27.76 6.63 -22.56
CA GLU B 392 26.66 6.16 -23.39
C GLU B 392 25.59 5.59 -22.47
N ARG B 393 26.04 4.97 -21.38
CA ARG B 393 25.09 4.25 -20.55
C ARG B 393 24.29 5.19 -19.66
N VAL B 394 24.87 6.30 -19.23
CA VAL B 394 24.05 7.23 -18.50
C VAL B 394 22.92 7.76 -19.35
N THR B 395 23.11 7.81 -20.67
CA THR B 395 22.04 8.28 -21.53
C THR B 395 20.95 7.23 -21.68
N ARG B 396 21.18 6.02 -21.16
CA ARG B 396 20.12 5.01 -21.20
C ARG B 396 19.16 5.17 -20.07
N MET B 397 19.38 6.21 -19.25
CA MET B 397 18.64 6.35 -18.02
C MET B 397 17.99 7.72 -17.74
N ALA B 398 16.94 7.73 -16.93
CA ALA B 398 16.32 8.97 -16.48
C ALA B 398 16.09 8.86 -15.00
N ILE B 399 16.88 9.63 -14.27
CA ILE B 399 16.97 9.53 -12.78
C ILE B 399 16.58 10.83 -12.16
N SER B 400 15.48 10.83 -11.40
CA SER B 400 15.08 11.98 -10.62
C SER B 400 14.97 11.57 -9.18
N GLY B 401 15.97 11.93 -8.40
CA GLY B 401 16.11 11.42 -7.05
C GLY B 401 16.00 9.91 -7.09
N ASP B 402 15.05 9.37 -6.35
CA ASP B 402 14.98 7.93 -6.21
C ASP B 402 14.22 7.33 -7.39
N ASP B 403 13.54 8.19 -8.15
CA ASP B 403 12.85 7.77 -9.35
C ASP B 403 13.83 7.45 -10.45
N CYS B 404 13.68 6.30 -11.12
CA CYS B 404 14.59 5.90 -12.18
C CYS B 404 13.89 5.19 -13.35
N VAL B 405 14.46 5.35 -14.52
CA VAL B 405 14.06 4.62 -15.71
C VAL B 405 15.38 4.24 -16.40
N VAL B 406 15.49 3.00 -16.80
CA VAL B 406 16.72 2.53 -17.41
C VAL B 406 16.36 1.59 -18.55
N LYS B 407 17.05 1.72 -19.68
CA LYS B 407 16.91 0.78 -20.77
C LYS B 407 18.26 0.09 -21.02
N PRO B 408 18.43 -1.16 -20.57
CA PRO B 408 19.69 -1.88 -20.68
C PRO B 408 19.90 -2.38 -22.07
N LEU B 409 21.08 -2.94 -22.34
CA LEU B 409 21.35 -3.55 -23.66
C LEU B 409 20.38 -4.72 -23.90
N ASP B 410 20.03 -5.43 -22.83
CA ASP B 410 19.22 -6.62 -22.95
C ASP B 410 18.65 -6.97 -21.59
N ASP B 411 17.73 -7.92 -21.59
CA ASP B 411 16.93 -8.23 -20.43
C ASP B 411 17.51 -9.09 -19.33
N ARG B 412 18.77 -9.50 -19.45
CA ARG B 412 19.49 -10.00 -18.28
C ARG B 412 19.38 -8.98 -17.13
N PHE B 413 19.14 -7.71 -17.46
CA PHE B 413 18.95 -6.66 -16.46
C PHE B 413 17.91 -7.15 -15.44
N ALA B 414 16.87 -7.84 -15.93
CA ALA B 414 15.77 -8.23 -15.09
C ALA B 414 16.24 -9.04 -13.90
N THR B 415 17.32 -9.81 -14.07
CA THR B 415 17.75 -10.78 -13.07
C THR B 415 19.04 -10.33 -12.38
N ALA B 416 19.48 -9.11 -12.69
CA ALA B 416 20.73 -8.60 -12.15
C ALA B 416 20.42 -7.97 -10.80
N LEU B 417 20.42 -8.78 -9.74
CA LEU B 417 19.81 -8.33 -8.49
C LEU B 417 20.71 -8.41 -7.32
N HIS B 418 21.78 -9.16 -7.48
CA HIS B 418 22.65 -9.50 -6.36
C HIS B 418 23.34 -8.26 -5.80
N PHE B 419 23.94 -7.46 -6.67
CA PHE B 419 24.57 -6.21 -6.25
C PHE B 419 23.54 -5.22 -5.72
N LEU B 420 22.41 -5.17 -6.38
CA LEU B 420 21.34 -4.28 -5.94
C LEU B 420 20.91 -4.64 -4.55
N ASN B 421 20.49 -5.88 -4.36
CA ASN B 421 20.03 -6.31 -3.04
C ASN B 421 21.12 -6.17 -1.99
N ALA B 422 22.36 -6.42 -2.38
CA ALA B 422 23.47 -6.36 -1.43
C ALA B 422 23.76 -4.92 -1.07
N MET B 423 23.36 -3.99 -1.97
CA MET B 423 23.42 -2.54 -1.68
C MET B 423 22.25 -2.01 -0.80
N SER B 424 21.34 -2.91 -0.44
CA SER B 424 20.15 -2.61 0.38
C SER B 424 19.13 -1.85 -0.45
N LYS B 425 19.39 -1.72 -1.74
CA LYS B 425 18.48 -1.04 -2.65
C LYS B 425 17.46 -2.03 -3.12
N VAL B 426 16.67 -2.50 -2.16
CA VAL B 426 15.69 -3.57 -2.37
C VAL B 426 14.52 -2.96 -3.03
N ARG B 427 14.02 -3.62 -4.09
CA ARG B 427 12.93 -3.07 -4.90
C ARG B 427 11.63 -3.19 -4.15
N LYS B 428 10.75 -2.22 -4.38
CA LYS B 428 9.45 -2.15 -3.73
C LYS B 428 8.43 -3.14 -4.34
N ASP B 429 7.63 -3.78 -3.46
CA ASP B 429 6.40 -4.51 -3.91
C ASP B 429 6.68 -5.60 -4.92
N ILE B 430 7.84 -6.27 -4.77
CA ILE B 430 8.13 -7.44 -5.54
C ILE B 430 9.00 -8.31 -4.66
N GLN B 431 8.79 -9.62 -4.72
CA GLN B 431 9.65 -10.51 -3.93
C GLN B 431 11.12 -10.30 -4.28
N GLU B 432 11.97 -10.45 -3.28
CA GLU B 432 13.33 -10.02 -3.32
C GLU B 432 14.14 -10.51 -4.52
N TRP B 433 13.90 -11.75 -4.92
CA TRP B 433 14.71 -12.35 -5.98
C TRP B 433 13.86 -12.67 -7.19
N LYS B 434 12.67 -12.09 -7.28
CA LYS B 434 11.89 -12.30 -8.49
C LYS B 434 12.45 -11.35 -9.55
N PRO B 435 12.55 -11.80 -10.79
CA PRO B 435 13.07 -10.90 -11.83
C PRO B 435 12.21 -9.68 -11.97
N SER B 436 12.81 -8.54 -12.36
CA SER B 436 12.00 -7.34 -12.57
C SER B 436 11.09 -7.45 -13.79
N HIS B 437 10.03 -6.64 -13.81
CA HIS B 437 9.17 -6.48 -14.97
C HIS B 437 9.59 -5.29 -15.78
N GLY B 438 9.62 -5.46 -17.10
CA GLY B 438 9.94 -4.31 -17.96
C GLY B 438 8.83 -4.12 -18.97
N TRP B 439 8.84 -2.99 -19.68
CA TRP B 439 7.86 -2.71 -20.70
C TRP B 439 8.52 -2.54 -22.08
N HIS B 440 7.85 -3.07 -23.12
CA HIS B 440 8.28 -2.87 -24.53
C HIS B 440 7.83 -1.51 -24.98
N ASP B 441 6.78 -1.01 -24.32
CA ASP B 441 6.11 0.23 -24.67
C ASP B 441 6.48 1.32 -23.68
N TRP B 442 7.21 2.35 -24.16
CA TRP B 442 7.64 3.47 -23.28
C TRP B 442 6.47 4.27 -22.64
N GLN B 443 5.27 4.14 -23.20
CA GLN B 443 4.11 4.85 -22.72
C GLN B 443 3.49 4.16 -21.52
N GLN B 444 4.05 3.02 -21.10
CA GLN B 444 3.62 2.41 -19.85
C GLN B 444 4.62 2.73 -18.73
N VAL B 445 5.79 3.19 -19.09
CA VAL B 445 6.78 3.37 -18.05
C VAL B 445 6.41 4.53 -17.15
N PRO B 446 6.26 4.26 -15.83
CA PRO B 446 5.98 5.27 -14.77
C PRO B 446 7.25 6.02 -14.34
N PHE B 447 7.10 7.34 -14.18
CA PHE B 447 8.22 8.22 -13.90
C PHE B 447 7.74 9.55 -13.32
N CYS B 448 8.19 9.88 -12.11
CA CYS B 448 7.83 11.13 -11.47
C CYS B 448 6.31 11.34 -11.43
N SER B 449 5.62 10.28 -11.00
CA SER B 449 4.18 10.33 -10.74
C SER B 449 3.35 10.37 -12.03
N ASN B 450 4.01 10.28 -13.15
CA ASN B 450 3.34 10.26 -14.39
C ASN B 450 3.67 9.03 -15.25
N HIS B 451 2.85 8.81 -16.26
CA HIS B 451 3.24 8.08 -17.48
C HIS B 451 3.02 9.06 -18.66
N PHE B 452 3.49 8.69 -19.85
CA PHE B 452 3.46 9.55 -20.99
C PHE B 452 2.84 8.94 -22.23
N GLN B 453 2.11 9.76 -23.00
CA GLN B 453 1.25 9.28 -24.11
C GLN B 453 1.50 10.14 -25.30
N GLU B 454 1.78 9.50 -26.43
CA GLU B 454 1.91 10.20 -27.69
C GLU B 454 0.51 10.46 -28.27
N ILE B 455 0.10 11.71 -28.32
CA ILE B 455 -1.20 11.96 -28.87
C ILE B 455 -1.14 12.75 -30.18
N VAL B 456 -1.95 12.32 -31.14
CA VAL B 456 -2.03 12.96 -32.48
C VAL B 456 -3.01 14.15 -32.49
N MET B 457 -2.52 15.34 -32.83
CA MET B 457 -3.41 16.49 -32.95
C MET B 457 -4.18 16.42 -34.24
N LYS B 458 -5.18 17.31 -34.36
CA LYS B 458 -6.03 17.43 -35.54
C LYS B 458 -5.24 17.82 -36.78
N ASP B 459 -4.29 18.75 -36.66
CA ASP B 459 -3.45 19.13 -37.82
C ASP B 459 -2.39 18.11 -38.26
N GLY B 460 -2.45 16.88 -37.74
CA GLY B 460 -1.46 15.87 -38.11
C GLY B 460 -0.25 15.72 -37.21
N ARG B 461 0.13 16.77 -36.48
CA ARG B 461 1.35 16.71 -35.65
C ARG B 461 1.10 15.97 -34.31
N SER B 462 2.16 15.56 -33.65
CA SER B 462 2.01 14.75 -32.44
C SER B 462 2.75 15.35 -31.26
N ILE B 463 2.24 15.08 -30.05
CA ILE B 463 2.92 15.51 -28.82
C ILE B 463 2.96 14.40 -27.80
N VAL B 464 3.90 14.49 -26.85
CA VAL B 464 4.00 13.51 -25.78
C VAL B 464 3.59 14.20 -24.45
N VAL B 465 2.45 13.83 -23.89
CA VAL B 465 1.92 14.52 -22.72
C VAL B 465 2.00 13.64 -21.44
N PRO B 466 1.91 14.26 -20.25
CA PRO B 466 1.81 13.43 -19.03
C PRO B 466 0.36 13.15 -18.67
N CYS B 467 0.05 11.94 -18.13
CA CYS B 467 -1.12 11.86 -17.34
C CYS B 467 -0.88 10.99 -16.15
N ARG B 468 -1.72 11.21 -15.14
CA ARG B 468 -1.65 10.54 -13.90
C ARG B 468 -3.03 10.54 -13.33
N GLY B 469 -3.30 9.63 -12.40
CA GLY B 469 -4.64 9.45 -11.88
C GLY B 469 -5.33 10.76 -11.56
N GLN B 470 -6.51 10.92 -12.15
CA GLN B 470 -7.32 12.11 -11.99
C GLN B 470 -7.80 12.32 -10.55
N ASP B 471 -8.20 11.25 -9.88
CA ASP B 471 -8.65 11.42 -8.50
C ASP B 471 -7.62 12.18 -7.67
N GLU B 472 -6.35 11.80 -7.82
CA GLU B 472 -5.30 12.50 -7.09
C GLU B 472 -5.20 13.99 -7.46
N LEU B 473 -5.34 14.32 -8.73
CA LEU B 473 -5.21 15.71 -9.14
C LEU B 473 -6.32 16.53 -8.56
N ILE B 474 -7.54 16.00 -8.62
CA ILE B 474 -8.71 16.64 -8.04
C ILE B 474 -8.66 16.77 -6.52
N GLY B 475 -8.32 15.66 -5.87
CA GLY B 475 -8.19 15.60 -4.42
C GLY B 475 -7.23 16.65 -3.92
N ARG B 476 -6.10 16.77 -4.60
CA ARG B 476 -5.08 17.75 -4.27
C ARG B 476 -5.59 19.19 -4.37
N ALA B 477 -6.21 19.51 -5.52
CA ALA B 477 -6.78 20.81 -5.79
C ALA B 477 -7.85 21.16 -4.77
N ARG B 478 -8.58 20.15 -4.30
CA ARG B 478 -9.59 20.38 -3.27
C ARG B 478 -8.99 20.76 -1.92
N ILE B 479 -7.70 20.54 -1.73
CA ILE B 479 -7.14 20.90 -0.44
C ILE B 479 -6.62 22.33 -0.41
N SER B 480 -7.03 23.05 0.61
CA SER B 480 -6.47 24.37 0.89
C SER B 480 -5.53 24.29 2.08
N PRO B 481 -4.32 24.85 1.95
CA PRO B 481 -3.38 24.77 3.05
C PRO B 481 -3.54 25.92 4.04
N GLY B 482 -4.46 26.83 3.75
CA GLY B 482 -4.55 28.00 4.63
C GLY B 482 -5.73 28.06 5.58
N ALA B 483 -5.47 27.96 6.89
CA ALA B 483 -6.45 28.40 7.90
C ALA B 483 -6.49 29.94 7.82
N GLY B 484 -5.34 30.50 7.41
CA GLY B 484 -5.19 31.93 7.07
C GLY B 484 -4.97 32.26 5.59
N TRP B 485 -5.76 31.63 4.71
CA TRP B 485 -5.94 32.05 3.28
C TRP B 485 -7.38 32.60 3.06
N ASN B 486 -7.51 33.71 2.29
CA ASN B 486 -8.70 34.62 2.29
C ASN B 486 -10.03 34.08 1.76
N VAL B 487 -10.44 34.70 0.65
CA VAL B 487 -11.50 34.27 -0.21
C VAL B 487 -10.81 34.47 -1.54
N LYS B 488 -10.14 35.64 -1.66
CA LYS B 488 -9.30 35.92 -2.80
C LYS B 488 -8.23 34.85 -2.98
N ASP B 489 -7.57 34.50 -1.92
CA ASP B 489 -6.46 33.57 -2.05
C ASP B 489 -6.96 32.18 -2.30
N THR B 490 -8.13 31.87 -1.77
CA THR B 490 -8.71 30.59 -2.07
C THR B 490 -8.99 30.52 -3.57
N ALA B 491 -9.58 31.59 -4.10
CA ALA B 491 -9.91 31.58 -5.50
C ALA B 491 -8.65 31.56 -6.38
N CYS B 492 -7.57 32.15 -5.89
CA CYS B 492 -6.33 32.21 -6.67
C CYS B 492 -5.58 30.90 -6.62
N LEU B 493 -5.66 30.19 -5.51
CA LEU B 493 -5.12 28.86 -5.44
C LEU B 493 -5.88 27.94 -6.40
N ALA B 494 -7.20 28.05 -6.46
CA ALA B 494 -7.97 27.17 -7.34
C ALA B 494 -7.63 27.45 -8.75
N LYS B 495 -7.37 28.71 -9.05
CA LYS B 495 -7.07 29.13 -10.42
C LYS B 495 -5.72 28.58 -10.84
N ALA B 496 -4.78 28.51 -9.87
CA ALA B 496 -3.47 27.89 -10.06
C ALA B 496 -3.61 26.45 -10.51
N TYR B 497 -4.39 25.67 -9.75
CA TYR B 497 -4.60 24.26 -10.13
C TYR B 497 -5.22 24.18 -11.52
N ALA B 498 -6.22 25.02 -11.74
CA ALA B 498 -6.92 25.00 -13.00
C ALA B 498 -6.01 25.27 -14.17
N GLN B 499 -5.22 26.34 -14.06
CA GLN B 499 -4.31 26.66 -15.17
C GLN B 499 -3.18 25.64 -15.24
N MET B 500 -2.86 25.01 -14.12
CA MET B 500 -1.89 23.94 -14.21
C MET B 500 -2.46 22.80 -15.09
N TRP B 501 -3.73 22.48 -14.88
CA TRP B 501 -4.34 21.43 -15.65
C TRP B 501 -4.42 21.76 -17.13
N LEU B 502 -4.51 23.05 -17.46
CA LEU B 502 -4.62 23.43 -18.88
C LEU B 502 -3.28 23.35 -19.54
N LEU B 503 -2.23 23.60 -18.78
CA LEU B 503 -0.90 23.48 -19.36
C LEU B 503 -0.38 22.05 -19.46
N LEU B 504 -0.77 21.16 -18.51
CA LEU B 504 -0.16 19.79 -18.45
C LEU B 504 -1.14 18.63 -18.70
N TYR B 505 -2.41 18.85 -18.35
CA TYR B 505 -3.40 17.79 -18.38
C TYR B 505 -4.64 18.21 -19.13
N PHE B 506 -4.49 19.11 -20.10
CA PHE B 506 -5.58 19.56 -20.98
C PHE B 506 -6.18 18.40 -21.82
N HIS B 507 -5.42 17.33 -22.01
CA HIS B 507 -5.88 16.17 -22.80
C HIS B 507 -6.90 15.28 -22.05
N ARG B 508 -7.28 15.67 -20.84
CA ARG B 508 -8.18 14.90 -20.02
C ARG B 508 -9.48 15.66 -19.96
N ARG B 509 -10.53 15.09 -20.49
CA ARG B 509 -11.81 15.79 -20.61
C ARG B 509 -12.29 16.41 -19.32
N ASP B 510 -12.39 15.62 -18.26
CA ASP B 510 -12.91 16.12 -17.01
C ASP B 510 -12.13 17.35 -16.50
N LEU B 511 -10.81 17.31 -16.60
CA LEU B 511 -9.98 18.39 -16.01
C LEU B 511 -10.09 19.68 -16.81
N ARG B 512 -10.08 19.56 -18.13
CA ARG B 512 -10.19 20.69 -18.99
C ARG B 512 -11.54 21.31 -18.72
N LEU B 513 -12.55 20.48 -18.52
CA LEU B 513 -13.88 21.01 -18.28
C LEU B 513 -13.93 21.72 -16.93
N MET B 514 -13.33 21.11 -15.91
CA MET B 514 -13.25 21.68 -14.55
C MET B 514 -12.38 22.93 -14.50
N ALA B 515 -11.22 22.88 -15.16
CA ALA B 515 -10.34 24.04 -15.25
C ALA B 515 -11.08 25.25 -15.80
N ASN B 516 -11.78 25.08 -16.93
CA ASN B 516 -12.54 26.19 -17.52
C ASN B 516 -13.62 26.76 -16.61
N ALA B 517 -14.39 25.90 -15.96
CA ALA B 517 -15.41 26.30 -15.00
C ALA B 517 -14.84 27.14 -13.86
N ILE B 518 -13.63 26.78 -13.42
CA ILE B 518 -12.96 27.52 -12.36
C ILE B 518 -12.50 28.89 -12.89
N CYS B 519 -11.97 28.91 -14.12
CA CYS B 519 -11.38 30.12 -14.68
C CYS B 519 -12.50 31.10 -15.02
N SER B 520 -13.63 30.55 -15.38
CA SER B 520 -14.84 31.30 -15.55
C SER B 520 -15.41 31.88 -14.24
N ALA B 521 -15.00 31.34 -13.10
CA ALA B 521 -15.62 31.72 -11.84
C ALA B 521 -14.75 32.61 -10.99
N VAL B 522 -13.50 32.78 -11.38
CA VAL B 522 -12.58 33.55 -10.60
C VAL B 522 -12.23 34.75 -11.46
N PRO B 523 -12.18 35.97 -10.87
CA PRO B 523 -11.93 37.20 -11.62
C PRO B 523 -10.69 37.06 -12.50
N VAL B 524 -10.82 37.41 -13.77
CA VAL B 524 -9.78 37.25 -14.78
C VAL B 524 -8.50 37.98 -14.47
N ASP B 525 -8.59 39.08 -13.73
CA ASP B 525 -7.39 39.83 -13.37
C ASP B 525 -6.74 39.37 -12.05
N TRP B 526 -7.28 38.35 -11.40
CA TRP B 526 -6.62 37.79 -10.22
C TRP B 526 -5.48 36.85 -10.61
N VAL B 527 -4.30 37.10 -10.02
CA VAL B 527 -3.09 36.34 -10.27
C VAL B 527 -3.15 35.06 -9.44
N PRO B 528 -2.90 33.89 -10.07
CA PRO B 528 -2.91 32.68 -9.24
C PRO B 528 -1.78 32.75 -8.23
N THR B 529 -2.01 32.23 -7.03
CA THR B 529 -0.98 32.15 -5.99
C THR B 529 -0.98 30.76 -5.37
N GLY B 530 0.01 30.50 -4.51
CA GLY B 530 0.13 29.20 -3.87
C GLY B 530 0.90 28.18 -4.71
N ARG B 531 0.87 26.94 -4.26
CA ARG B 531 1.74 25.88 -4.73
C ARG B 531 0.82 24.78 -5.22
N THR B 532 1.06 24.24 -6.43
CA THR B 532 0.22 23.18 -6.93
C THR B 532 0.91 21.83 -6.85
N SER B 533 2.21 21.86 -6.54
CA SER B 533 3.08 20.68 -6.56
C SER B 533 4.35 21.00 -5.80
N TRP B 534 4.97 19.99 -5.22
CA TRP B 534 6.25 20.16 -4.53
C TRP B 534 7.37 19.75 -5.46
N SER B 535 7.00 19.04 -6.52
CA SER B 535 7.96 18.48 -7.44
C SER B 535 8.88 19.51 -8.09
N ILE B 536 10.17 19.21 -8.06
CA ILE B 536 11.11 20.08 -8.73
C ILE B 536 10.88 20.14 -10.23
N HIS B 537 10.08 19.21 -10.77
CA HIS B 537 9.61 19.27 -12.16
C HIS B 537 8.35 20.13 -12.36
N SER B 538 7.87 20.72 -11.26
CA SER B 538 6.71 21.62 -11.34
C SER B 538 7.25 23.02 -11.44
N LYS B 539 7.12 23.61 -12.62
CA LYS B 539 7.84 24.86 -12.94
C LYS B 539 7.00 26.11 -12.80
N GLY B 540 5.70 25.94 -12.99
CA GLY B 540 4.74 26.96 -12.65
C GLY B 540 4.53 27.96 -13.73
N GLU B 541 4.56 27.49 -14.97
CA GLU B 541 4.32 28.39 -16.09
C GLU B 541 2.87 28.87 -16.00
N TRP B 542 2.06 28.16 -15.22
CA TRP B 542 0.65 28.48 -15.04
C TRP B 542 0.36 29.56 -13.99
N MET B 543 1.39 30.08 -13.34
CA MET B 543 1.23 31.09 -12.26
C MET B 543 1.26 32.45 -12.96
N THR B 544 0.14 32.76 -13.60
CA THR B 544 0.15 33.85 -14.52
C THR B 544 -1.28 34.28 -14.83
N THR B 545 -1.40 35.51 -15.26
CA THR B 545 -2.65 36.06 -15.73
C THR B 545 -2.71 36.05 -17.28
N GLU B 546 -1.56 35.79 -17.92
CA GLU B 546 -1.54 35.63 -19.36
C GLU B 546 -2.56 34.58 -19.84
N ASP B 547 -3.08 34.76 -21.06
CA ASP B 547 -4.04 33.82 -21.66
C ASP B 547 -3.35 32.45 -21.80
N MET B 548 -3.99 31.41 -21.27
CA MET B 548 -3.36 30.06 -21.20
C MET B 548 -3.06 29.36 -22.54
N LEU B 549 -3.84 29.69 -23.56
CA LEU B 549 -3.55 29.21 -24.91
C LEU B 549 -2.22 29.73 -25.42
N GLN B 550 -1.93 30.97 -25.05
CA GLN B 550 -0.72 31.63 -25.48
C GLN B 550 0.43 30.94 -24.79
N VAL B 551 0.19 30.51 -23.55
CA VAL B 551 1.20 29.83 -22.73
C VAL B 551 1.33 28.38 -23.21
N TRP B 552 0.20 27.78 -23.59
CA TRP B 552 0.18 26.45 -24.16
C TRP B 552 1.03 26.44 -25.42
N ASN B 553 0.75 27.39 -26.31
CA ASN B 553 1.52 27.50 -27.52
C ASN B 553 3.02 27.65 -27.27
N ARG B 554 3.39 28.40 -26.27
CA ARG B 554 4.81 28.61 -26.03
C ARG B 554 5.49 27.33 -25.49
N VAL B 555 4.82 26.61 -24.58
CA VAL B 555 5.39 25.39 -24.02
C VAL B 555 5.39 24.28 -25.08
N TRP B 556 4.21 23.97 -25.59
CA TRP B 556 4.00 22.82 -26.44
C TRP B 556 4.38 22.99 -27.93
N ILE B 557 4.55 24.22 -28.38
CA ILE B 557 4.92 24.48 -29.77
C ILE B 557 6.28 25.14 -29.84
N GLU B 558 6.35 26.35 -29.30
CA GLU B 558 7.47 27.24 -29.50
C GLU B 558 8.79 26.80 -28.82
N GLU B 559 8.71 26.36 -27.58
CA GLU B 559 9.92 26.04 -26.84
C GLU B 559 10.08 24.53 -26.70
N ASN B 560 9.18 23.80 -27.38
CA ASN B 560 9.22 22.33 -27.44
C ASN B 560 10.26 21.90 -28.46
N GLU B 561 11.47 21.58 -27.99
CA GLU B 561 12.54 21.28 -28.95
C GLU B 561 12.37 19.94 -29.65
N TRP B 562 11.22 19.31 -29.44
CA TRP B 562 10.87 18.13 -30.22
C TRP B 562 9.79 18.49 -31.23
N MET B 563 9.40 19.77 -31.29
CA MET B 563 8.37 20.20 -32.20
C MET B 563 9.06 20.95 -33.32
N MET B 564 8.98 20.41 -34.53
CA MET B 564 9.73 20.94 -35.69
C MET B 564 9.03 22.07 -36.41
N ASP B 565 7.78 21.82 -36.80
CA ASP B 565 6.93 22.86 -37.34
C ASP B 565 6.42 23.76 -36.21
N LYS B 566 6.92 24.99 -36.20
CA LYS B 566 6.59 25.94 -35.17
C LYS B 566 5.27 26.66 -35.41
N THR B 567 4.39 26.09 -36.24
CA THR B 567 3.09 26.74 -36.48
C THR B 567 2.28 26.74 -35.21
N PRO B 568 1.87 27.94 -34.73
CA PRO B 568 1.09 28.08 -33.49
C PRO B 568 -0.35 27.53 -33.65
N ILE B 569 -0.90 26.98 -32.57
CA ILE B 569 -2.28 26.47 -32.56
C ILE B 569 -3.26 27.59 -32.27
N ALA B 570 -4.37 27.57 -32.99
CA ALA B 570 -5.27 28.72 -33.04
C ALA B 570 -6.28 28.77 -31.91
N SER B 571 -6.76 27.61 -31.49
CA SER B 571 -7.76 27.61 -30.44
C SER B 571 -7.82 26.30 -29.69
N TRP B 572 -8.45 26.34 -28.52
CA TRP B 572 -8.56 25.15 -27.70
C TRP B 572 -9.11 23.92 -28.45
N THR B 573 -10.02 24.14 -29.40
CA THR B 573 -10.59 23.03 -30.18
C THR B 573 -9.56 22.29 -31.01
N ASP B 574 -8.42 22.93 -31.28
CA ASP B 574 -7.29 22.30 -31.94
C ASP B 574 -6.30 21.57 -30.97
N VAL B 575 -6.52 21.75 -29.67
CA VAL B 575 -5.70 21.10 -28.67
C VAL B 575 -6.36 19.74 -28.37
N PRO B 576 -5.58 18.66 -28.48
CA PRO B 576 -6.07 17.28 -28.44
C PRO B 576 -6.45 16.73 -27.05
N TYR B 577 -7.22 15.66 -27.06
CA TYR B 577 -7.51 14.86 -25.88
C TYR B 577 -6.89 13.50 -26.07
N VAL B 578 -6.59 12.78 -24.98
CA VAL B 578 -6.19 11.39 -25.12
C VAL B 578 -7.42 10.61 -25.53
N GLY B 579 -7.25 9.37 -25.98
CA GLY B 579 -8.43 8.58 -26.34
C GLY B 579 -9.28 8.30 -25.11
N LYS B 580 -10.56 8.03 -25.33
CA LYS B 580 -11.54 7.77 -24.28
C LYS B 580 -11.16 6.61 -23.36
N ARG B 581 -10.54 5.60 -23.95
CA ARG B 581 -10.11 4.41 -23.24
C ARG B 581 -9.06 4.79 -22.17
N GLU B 582 -8.05 5.51 -22.63
CA GLU B 582 -7.03 6.05 -21.77
C GLU B 582 -7.57 6.97 -20.71
N ASP B 583 -8.52 7.83 -21.07
CA ASP B 583 -8.98 8.86 -20.13
C ASP B 583 -9.64 8.17 -18.96
N ILE B 584 -10.48 7.19 -19.29
CA ILE B 584 -11.18 6.38 -18.31
C ILE B 584 -10.20 5.58 -17.44
N TRP B 585 -9.17 5.02 -18.09
CA TRP B 585 -8.21 4.20 -17.40
C TRP B 585 -7.62 5.03 -16.28
N CYS B 586 -7.45 6.32 -16.55
CA CYS B 586 -6.77 7.16 -15.58
C CYS B 586 -7.70 7.96 -14.76
N GLY B 587 -8.89 7.40 -14.60
CA GLY B 587 -9.82 7.95 -13.64
C GLY B 587 -10.90 8.86 -14.15
N SER B 588 -10.99 9.09 -15.46
CA SER B 588 -12.07 9.92 -15.98
C SER B 588 -13.48 9.40 -15.67
N LEU B 589 -14.43 10.33 -15.54
CA LEU B 589 -15.81 9.97 -15.24
C LEU B 589 -16.74 10.09 -16.45
N ILE B 590 -16.20 10.36 -17.62
CA ILE B 590 -16.99 10.43 -18.82
C ILE B 590 -17.70 9.11 -19.01
N GLY B 591 -18.94 9.16 -19.51
CA GLY B 591 -19.75 7.98 -19.75
C GLY B 591 -20.64 7.63 -18.57
N THR B 592 -20.51 8.38 -17.48
CA THR B 592 -21.37 8.19 -16.30
C THR B 592 -22.45 9.26 -16.20
N ARG B 593 -23.52 8.88 -15.50
CA ARG B 593 -24.65 9.76 -15.35
C ARG B 593 -24.29 10.94 -14.43
N SER B 594 -23.57 10.69 -13.35
CA SER B 594 -23.19 11.80 -12.48
C SER B 594 -22.31 12.87 -13.20
N ARG B 595 -21.40 12.42 -14.05
CA ARG B 595 -20.62 13.35 -14.84
C ARG B 595 -21.42 14.04 -15.97
N ALA B 596 -22.39 13.34 -16.54
CA ALA B 596 -23.26 14.01 -17.50
C ALA B 596 -24.05 15.11 -16.80
N THR B 597 -24.64 14.83 -15.64
CA THR B 597 -25.40 15.85 -14.89
C THR B 597 -24.56 17.10 -14.49
N TRP B 598 -23.27 16.90 -14.25
CA TRP B 598 -22.42 17.96 -13.78
C TRP B 598 -22.04 18.89 -14.92
N ALA B 599 -21.73 18.29 -16.06
CA ALA B 599 -21.40 19.03 -17.26
C ALA B 599 -22.60 19.92 -17.64
N GLU B 600 -23.79 19.48 -17.25
CA GLU B 600 -25.01 20.13 -17.72
C GLU B 600 -25.48 21.20 -16.75
N ASN B 601 -24.90 21.22 -15.55
CA ASN B 601 -25.28 22.20 -14.52
C ASN B 601 -24.06 22.94 -13.98
N ILE B 602 -23.01 22.97 -14.79
CA ILE B 602 -21.76 23.57 -14.37
C ILE B 602 -21.95 25.07 -14.12
N TYR B 603 -22.79 25.66 -14.97
CA TYR B 603 -23.09 27.09 -14.89
C TYR B 603 -23.66 27.53 -13.56
N ALA B 604 -24.35 26.63 -12.86
CA ALA B 604 -24.92 26.96 -11.56
C ALA B 604 -23.82 27.18 -10.49
N ALA B 605 -22.84 26.28 -10.47
CA ALA B 605 -21.74 26.42 -9.51
C ALA B 605 -20.89 27.65 -9.88
N ILE B 606 -20.55 27.76 -11.17
CA ILE B 606 -19.93 28.99 -11.69
C ILE B 606 -20.62 30.24 -11.15
N ASN B 607 -21.94 30.25 -11.22
CA ASN B 607 -22.66 31.44 -10.80
C ASN B 607 -22.63 31.62 -9.29
N GLN B 608 -22.59 30.52 -8.58
CA GLN B 608 -22.68 30.67 -7.15
C GLN B 608 -21.36 31.24 -6.63
N VAL B 609 -20.28 30.89 -7.32
CA VAL B 609 -18.98 31.40 -7.00
C VAL B 609 -18.89 32.89 -7.33
N ARG B 610 -19.21 33.29 -8.56
CA ARG B 610 -19.29 34.71 -8.89
C ARG B 610 -20.16 35.50 -7.90
N ALA B 611 -21.29 34.90 -7.52
CA ALA B 611 -22.22 35.53 -6.58
C ALA B 611 -21.57 35.72 -5.21
N VAL B 612 -20.75 34.76 -4.79
CA VAL B 612 -20.04 34.90 -3.52
C VAL B 612 -18.88 35.91 -3.61
N ILE B 613 -18.06 35.78 -4.66
CA ILE B 613 -16.91 36.67 -4.86
C ILE B 613 -17.38 38.09 -5.13
N GLY B 614 -18.51 38.19 -5.83
CA GLY B 614 -19.20 39.46 -6.05
C GLY B 614 -18.79 40.14 -7.33
N LYS B 615 -19.18 41.40 -7.49
CA LYS B 615 -19.02 42.14 -8.74
C LYS B 615 -17.55 42.30 -9.16
N GLU B 616 -17.11 41.50 -10.14
CA GLU B 616 -15.74 41.59 -10.68
C GLU B 616 -15.72 41.41 -12.21
N ASN B 617 -14.56 41.62 -12.86
CA ASN B 617 -14.41 41.33 -14.29
C ASN B 617 -14.30 39.83 -14.43
N TYR B 618 -15.35 39.21 -14.93
CA TYR B 618 -15.31 37.78 -15.26
C TYR B 618 -15.37 37.50 -16.75
N VAL B 619 -15.13 36.25 -17.10
CA VAL B 619 -15.12 35.80 -18.47
C VAL B 619 -15.73 34.43 -18.55
N ASP B 620 -16.42 34.15 -19.64
CA ASP B 620 -17.06 32.85 -19.83
C ASP B 620 -16.25 31.97 -20.80
N TYR B 621 -15.49 31.00 -20.25
CA TYR B 621 -14.68 30.11 -21.08
C TYR B 621 -15.37 28.81 -21.43
N MET B 622 -16.58 28.56 -20.90
CA MET B 622 -17.34 27.33 -21.23
C MET B 622 -17.72 27.17 -22.72
N THR B 623 -17.92 28.31 -23.41
CA THR B 623 -17.98 28.41 -24.89
C THR B 623 -18.27 27.09 -25.64
PG GTP C . -9.84 -14.26 -3.37
O1G GTP C . -10.99 -14.13 -2.44
O2G GTP C . -10.09 -15.40 -4.51
O3G GTP C . -9.63 -12.79 -4.08
O3B GTP C . -8.44 -14.57 -2.71
PB GTP C . -8.54 -15.54 -1.56
O1B GTP C . -8.15 -16.89 -2.08
O2B GTP C . -9.90 -15.35 -0.99
O3A GTP C . -7.44 -15.05 -0.47
PA GTP C . -7.97 -14.47 0.94
O1A GTP C . -6.85 -13.62 1.41
O2A GTP C . -8.49 -15.55 1.81
O5' GTP C . -9.20 -13.50 0.37
C5' GTP C . -10.60 -13.71 0.71
C4' GTP C . -10.90 -13.04 2.08
O4' GTP C . -10.55 -14.03 3.09
C3' GTP C . -9.97 -11.81 2.34
O3' GTP C . -10.63 -10.58 2.00
C2' GTP C . -9.62 -11.86 3.85
O2' GTP C . -10.20 -10.76 4.63
C1' GTP C . -10.13 -13.26 4.31
N9 GTP C . -9.08 -13.98 5.15
C8 GTP C . -8.46 -15.15 4.83
N7 GTP C . -7.61 -15.49 5.80
C5 GTP C . -7.69 -14.54 6.74
C6 GTP C . -7.06 -14.38 7.96
O6 GTP C . -6.22 -15.19 8.32
N1 GTP C . -7.37 -13.25 8.74
C2 GTP C . -8.30 -12.30 8.30
N2 GTP C . -8.59 -11.23 9.06
N3 GTP C . -8.90 -12.49 7.11
C4 GTP C . -8.63 -13.57 6.34
ZN ZN D . -3.57 -29.49 23.45
ZN ZN E . -15.66 -3.45 -11.77
PG GTP F . 3.63 15.82 -7.04
O1G GTP F . 3.45 17.29 -7.07
O2G GTP F . 2.43 15.03 -7.76
O3G GTP F . 4.99 15.31 -7.83
O3B GTP F . 3.68 15.29 -5.58
PB GTP F . 4.13 16.27 -4.40
O1B GTP F . 2.95 16.38 -3.49
O2B GTP F . 4.77 17.49 -4.89
O3A GTP F . 5.20 15.45 -3.46
PA GTP F . 6.66 14.99 -3.88
O1A GTP F . 6.74 13.64 -3.24
O2A GTP F . 7.72 16.00 -3.61
O5' GTP F . 6.50 14.78 -5.54
C5' GTP F . 7.62 14.84 -6.52
C4' GTP F . 8.80 13.83 -6.27
O4' GTP F . 9.58 14.37 -5.16
C3' GTP F . 8.46 12.34 -5.93
O3' GTP F . 8.82 11.44 -7.02
C2' GTP F . 9.24 12.02 -4.63
O2' GTP F . 9.94 10.72 -4.68
C1' GTP F . 10.24 13.22 -4.51
N9 GTP F . 10.69 13.56 -3.07
C8 GTP F . 10.31 14.63 -2.33
N7 GTP F . 10.91 14.59 -1.13
C5 GTP F . 11.67 13.50 -1.11
C6 GTP F . 12.52 12.96 -0.16
O6 GTP F . 12.65 13.52 0.92
N1 GTP F . 13.23 11.79 -0.41
C2 GTP F . 13.05 11.14 -1.65
N2 GTP F . 13.73 10.00 -1.88
N3 GTP F . 12.23 11.68 -2.58
C4 GTP F . 11.55 12.84 -2.33
ZN ZN G . 26.33 24.04 12.76
ZN ZN H . -3.01 7.96 -17.94
#